data_8GPN
#
_entry.id   8GPN
#
_cell.length_a   1.00
_cell.length_b   1.00
_cell.length_c   1.00
_cell.angle_alpha   90.00
_cell.angle_beta   90.00
_cell.angle_gamma   90.00
#
_symmetry.space_group_name_H-M   'P 1'
#
loop_
_entity.id
_entity.type
_entity.pdbx_description
1 polymer 'Histone H3.2'
2 polymer 'Histone H4'
3 polymer 'Histone H2A type 1'
4 polymer 'Histone H2B 1.1'
5 polymer 'DNA (177-MER)'
6 polymer 'DNA (177-MER)'
7 polymer 'Isoform 2 of Menin'
#
loop_
_entity_poly.entity_id
_entity_poly.type
_entity_poly.pdbx_seq_one_letter_code
_entity_poly.pdbx_strand_id
1 'polypeptide(L)'
;MARTKQTARKSTGGKAPRKQLATKAARKSAPATGGVKKPHRYRPGTVALREIRRYQKSTELLIRKLPFQRLVREIAQDF
(MLY)TDLRFQSSAVMALQEASEAYLVGLFEDTNLCAIHAKRVTIMPKDIQLARRIRGERA
;
A,E
2 'polypeptide(L)'
;MSGRGKGGKGLGKGGAKRHRKVLRDNIQGITKPAIRRLARRGGVKRISGLIYEETRGVLKVFLENVIRDAVTYTEHAKRK
TVTAMDVVYALKRQGRTLYGFGG
;
B,F
3 'polypeptide(L)'
;MSGRGKQGGKTRAKAKTRSSRAGLQFPVGRVHRLLRKGNYAERVGAGAPVYLAAVLEYLTAEILELAGNAARDNKKTRII
PRHLQLAVRNDEELNKLLGGVTIAQGGVLPNIQSVLLPKKTESAKSAKSK
;
C,G
4 'polypeptide(L)'
;MPEPAKSAPAPKKGSKKAVTKTQKKDGKKRRKSRKESYAIYVYKVLKQVHPDTGISSKAMSIMNSFVNDVFERIAGEASR
LAHYNKRSTITSREIQTAVRLLLPGELAKHAVSEGTKAVTKYTSAK
;
D,H
5 'polydeoxyribonucleotide'
;(DA)(DT)(DC)(DC)(DA)(DT)(DC)(DC)(DG)(DG)(DA)(DT)(DC)(DC)(DC)(DC)(DT)(DG)(DG)(DA)
(DG)(DA)(DA)(DT)(DC)(DC)(DC)(DG)(DG)(DT)(DG)(DC)(DC)(DG)(DA)(DG)(DG)(DC)(DC)(DG)
(DC)(DT)(DC)(DA)(DA)(DT)(DT)(DG)(DG)(DT)(DC)(DG)(DT)(DA)(DG)(DA)(DC)(DA)(DG)(DC)
(DT)(DC)(DT)(DA)(DG)(DC)(DA)(DC)(DC)(DG)(DC)(DT)(DT)(DA)(DA)(DA)(DC)(DG)(DC)(DA)
(DC)(DG)(DT)(DA)(DC)(DG)(DC)(DG)(DC)(DT)(DG)(DT)(DC)(DC)(DC)(DC)(DC)(DG)(DC)(DG)
(DT)(DT)(DT)(DT)(DA)(DA)(DC)(DC)(DG)(DC)(DC)(DA)(DA)(DG)(DG)(DG)(DG)(DA)(DT)(DT)
(DA)(DC)(DT)(DC)(DC)(DC)(DT)(DA)(DG)(DT)(DC)(DT)(DC)(DC)(DA)(DG)(DG)(DC)(DA)(DC)
(DG)(DT)(DG)(DT)(DC)(DA)(DC)(DA)(DT)(DA)(DT)(DA)(DT)(DA)(DC)(DA)(DT)(DC)(DC)(DT)
(DG)(DT)(DT)(DC)(DC)(DA)(DG)(DT)(DG)(DC)(DC)(DG)(DG)(DA)(DG)(DA)(DT)
;
I
6 'polydeoxyribonucleotide'
;(DA)(DT)(DC)(DT)(DC)(DC)(DG)(DG)(DC)(DA)(DC)(DT)(DG)(DG)(DA)(DA)(DC)(DA)(DG)(DG)
(DA)(DT)(DG)(DT)(DA)(DT)(DA)(DT)(DA)(DT)(DG)(DT)(DG)(DA)(DC)(DA)(DC)(DG)(DT)(DG)
(DC)(DC)(DT)(DG)(DG)(DA)(DG)(DA)(DC)(DT)(DA)(DG)(DG)(DG)(DA)(DG)(DT)(DA)(DA)(DT)
(DC)(DC)(DC)(DC)(DT)(DT)(DG)(DG)(DC)(DG)(DG)(DT)(DT)(DA)(DA)(DA)(DA)(DC)(DG)(DC)
(DG)(DG)(DG)(DG)(DG)(DA)(DC)(DA)(DG)(DC)(DG)(DC)(DG)(DT)(DA)(DC)(DG)(DT)(DG)(DC)
(DG)(DT)(DT)(DT)(DA)(DA)(DG)(DC)(DG)(DG)(DT)(DG)(DC)(DT)(DA)(DG)(DA)(DG)(DC)(DT)
(DG)(DT)(DC)(DT)(DA)(DC)(DG)(DA)(DC)(DC)(DA)(DA)(DT)(DT)(DG)(DA)(DG)(DC)(DG)(DG)
(DC)(DC)(DT)(DC)(DG)(DG)(DC)(DA)(DC)(DC)(DG)(DG)(DG)(DA)(DT)(DT)(DC)(DT)(DC)(DC)
(DA)(DG)(DG)(DG)(DG)(DA)(DT)(DC)(DC)(DG)(DG)(DA)(DT)(DG)(DG)(DA)(DT)
;
J
7 'polypeptide(L)'
;SMGLKAAQKTLFPLRSIDDVVRLFAAELGREEPDLVLLSLVLGFVEHFLAVNRVIPTNVPELTFQPSPAPDPPGGLTYFP
VADLSIIAALYARFTAQIRGAVDLSLYPREGGVSSRELVKKVSDVIWNSLSRSYFKDRAHIQSLFSFITGTKLDSSGVAF
AVVGACQALGLRDVHLALSEDHAWVVFGPNGEQTAEVTWHGKGNEDRRGQTVNAGVAERSWLYLKGSYMRCDRKMEVAFM
VCAINPSIDLHTDSLELLQLQQKLLWLLYDLGHLERYPMALGNLADLEELEPTPGRPDPLTLYHKGIASAKTYYRDEHIY
PYMYLAGYHCRNRNVREALQAWADTATVIQDYNYCREDEEIYKEFFEVANDVIPNLLKEAASLLEAGEERPGEQSQGTQS
QGSALQDPECFAHLLRFYDGICKWEEGSPTPVLHVGWATFLVQSLGRFEGQVRQKVRIVSREAEAAEAEEPWGEEAREGR
RRGPRRESKPEEPPPPKKPALDKGLGTGQGAVSGPPRKPPGTVAGTARGPEGGSTAQVPAPTASPPPEGPVLTFQSEKMK
GMKELLVATKINSSAIKLQLTAQSQVQMKKQKVSTPSDYTLSFLKRQRKGL
;
K
#
# COMPACT_ATOMS: atom_id res chain seq x y z
N LYS A 38 -20.67 43.29 -29.54
CA LYS A 38 -19.93 42.07 -29.89
C LYS A 38 -18.97 41.69 -28.76
N PRO A 39 -19.26 40.55 -28.11
CA PRO A 39 -18.44 40.15 -26.95
C PRO A 39 -16.99 39.89 -27.34
N HIS A 40 -16.10 40.16 -26.38
CA HIS A 40 -14.67 40.00 -26.57
C HIS A 40 -14.23 38.65 -26.02
N ARG A 41 -13.65 37.82 -26.88
CA ARG A 41 -13.14 36.51 -26.50
C ARG A 41 -11.70 36.40 -26.97
N TYR A 42 -10.83 35.95 -26.06
CA TYR A 42 -9.42 35.82 -26.40
C TYR A 42 -9.20 34.66 -27.36
N ARG A 43 -8.15 34.78 -28.17
CA ARG A 43 -7.78 33.69 -29.05
C ARG A 43 -7.35 32.48 -28.23
N PRO A 44 -7.75 31.27 -28.61
CA PRO A 44 -7.46 30.10 -27.78
C PRO A 44 -5.95 29.93 -27.57
N GLY A 45 -5.58 29.57 -26.36
CA GLY A 45 -4.20 29.39 -26.00
C GLY A 45 -3.55 30.54 -25.28
N THR A 46 -4.29 31.59 -24.93
CA THR A 46 -3.77 32.68 -24.12
C THR A 46 -4.21 32.61 -22.67
N VAL A 47 -5.47 32.27 -22.43
CA VAL A 47 -5.91 31.99 -21.06
C VAL A 47 -5.12 30.84 -20.48
N ALA A 48 -4.75 29.87 -21.32
CA ALA A 48 -3.90 28.78 -20.86
C ALA A 48 -2.54 29.30 -20.39
N LEU A 49 -1.95 30.23 -21.12
CA LEU A 49 -0.67 30.80 -20.70
C LEU A 49 -0.81 31.60 -19.41
N ARG A 50 -1.89 32.37 -19.29
CA ARG A 50 -2.09 33.13 -18.07
C ARG A 50 -2.29 32.20 -16.88
N GLU A 51 -2.99 31.08 -17.08
CA GLU A 51 -3.15 30.12 -16.01
C GLU A 51 -1.85 29.42 -15.67
N ILE A 52 -1.00 29.18 -16.67
CA ILE A 52 0.32 28.62 -16.40
C ILE A 52 1.10 29.55 -15.48
N ARG A 53 1.12 30.84 -15.82
CA ARG A 53 1.81 31.81 -14.97
C ARG A 53 1.19 31.86 -13.58
N ARG A 54 -0.14 31.85 -13.49
CA ARG A 54 -0.81 31.97 -12.20
C ARG A 54 -0.50 30.78 -11.30
N TYR A 55 -0.53 29.57 -11.85
CA TYR A 55 -0.30 28.39 -11.02
C TYR A 55 1.16 28.07 -10.81
N GLN A 56 2.07 28.65 -11.60
CA GLN A 56 3.48 28.52 -11.26
C GLN A 56 3.92 29.58 -10.27
N LYS A 57 3.23 30.72 -10.22
CA LYS A 57 3.57 31.76 -9.26
C LYS A 57 3.13 31.42 -7.84
N SER A 58 2.10 30.59 -7.69
CA SER A 58 1.51 30.31 -6.40
C SER A 58 2.00 28.96 -5.87
N THR A 59 1.52 28.61 -4.67
CA THR A 59 1.87 27.36 -4.02
C THR A 59 0.66 26.65 -3.43
N GLU A 60 -0.55 27.08 -3.76
CA GLU A 60 -1.76 26.47 -3.22
C GLU A 60 -1.86 25.00 -3.65
N LEU A 61 -2.43 24.17 -2.78
CA LEU A 61 -2.75 22.81 -3.16
C LEU A 61 -3.84 22.82 -4.20
N LEU A 62 -3.53 22.29 -5.39
CA LEU A 62 -4.42 22.42 -6.53
C LEU A 62 -5.54 21.41 -6.54
N ILE A 63 -5.49 20.39 -5.69
CA ILE A 63 -6.57 19.42 -5.56
C ILE A 63 -7.37 19.77 -4.31
N ARG A 64 -8.69 19.68 -4.42
CA ARG A 64 -9.53 19.93 -3.26
C ARG A 64 -9.18 18.96 -2.15
N LYS A 65 -9.42 19.39 -0.91
CA LYS A 65 -8.90 18.64 0.23
C LYS A 65 -9.83 17.50 0.64
N LEU A 66 -11.13 17.76 0.71
CA LEU A 66 -12.06 16.68 1.07
C LEU A 66 -12.09 15.54 0.06
N PRO A 67 -12.20 15.77 -1.25
CA PRO A 67 -12.16 14.64 -2.19
C PRO A 67 -10.87 13.86 -2.12
N PHE A 68 -9.74 14.53 -1.92
CA PHE A 68 -8.49 13.79 -1.82
C PHE A 68 -8.43 12.99 -0.53
N GLN A 69 -8.93 13.55 0.57
CA GLN A 69 -8.98 12.79 1.81
C GLN A 69 -9.84 11.55 1.66
N ARG A 70 -10.98 11.68 1.00
CA ARG A 70 -11.84 10.52 0.78
C ARG A 70 -11.16 9.50 -0.13
N LEU A 71 -10.44 9.96 -1.15
CA LEU A 71 -9.70 9.05 -2.01
C LEU A 71 -8.63 8.29 -1.24
N VAL A 72 -7.87 9.01 -0.40
CA VAL A 72 -6.83 8.36 0.39
C VAL A 72 -7.44 7.30 1.29
N ARG A 73 -8.55 7.64 1.97
CA ARG A 73 -9.19 6.66 2.84
C ARG A 73 -9.69 5.46 2.06
N GLU A 74 -10.30 5.68 0.90
CA GLU A 74 -10.79 4.57 0.09
C GLU A 74 -9.66 3.67 -0.34
N ILE A 75 -8.51 4.25 -0.67
CA ILE A 75 -7.36 3.46 -1.08
C ILE A 75 -6.81 2.68 0.11
N ALA A 76 -6.72 3.31 1.28
CA ALA A 76 -6.15 2.66 2.44
C ALA A 76 -7.09 1.61 3.00
N GLN A 77 -8.33 1.64 2.62
CA GLN A 77 -9.33 0.68 3.07
C GLN A 77 -9.14 -0.67 2.47
N ASP A 78 -8.07 -0.92 1.74
CA ASP A 78 -7.80 -2.25 1.17
C ASP A 78 -6.50 -2.84 1.70
N PHE A 79 -5.84 -2.15 2.62
CA PHE A 79 -4.63 -2.67 3.23
C PHE A 79 -4.90 -3.00 4.68
N THR A 81 -8.54 -2.68 7.41
CA THR A 81 -9.86 -2.17 7.74
C THR A 81 -9.83 -1.28 8.97
N ASP A 82 -10.68 -0.24 8.97
CA ASP A 82 -10.84 0.64 10.13
C ASP A 82 -9.52 1.30 10.52
N LEU A 83 -8.93 2.03 9.58
CA LEU A 83 -7.76 2.82 9.86
C LEU A 83 -8.18 4.19 10.36
N ARG A 84 -7.21 4.94 10.87
CA ARG A 84 -7.40 6.33 11.22
C ARG A 84 -6.23 7.11 10.67
N PHE A 85 -6.48 8.36 10.27
CA PHE A 85 -5.48 9.19 9.66
C PHE A 85 -5.35 10.49 10.42
N GLN A 86 -4.13 10.87 10.76
CA GLN A 86 -3.90 12.22 11.20
C GLN A 86 -4.14 13.18 10.03
N SER A 87 -4.57 14.40 10.34
CA SER A 87 -4.70 15.39 9.28
C SER A 87 -3.35 15.68 8.64
N SER A 88 -2.27 15.63 9.44
CA SER A 88 -0.94 15.78 8.88
C SER A 88 -0.60 14.66 7.93
N ALA A 89 -1.12 13.45 8.16
CA ALA A 89 -0.86 12.35 7.24
C ALA A 89 -1.48 12.62 5.87
N VAL A 90 -2.74 13.04 5.85
CA VAL A 90 -3.38 13.33 4.56
C VAL A 90 -2.73 14.54 3.90
N MET A 91 -2.31 15.54 4.68
CA MET A 91 -1.61 16.67 4.07
C MET A 91 -0.29 16.24 3.46
N ALA A 92 0.44 15.35 4.13
CA ALA A 92 1.70 14.86 3.57
C ALA A 92 1.45 14.11 2.28
N LEU A 93 0.42 13.25 2.27
CA LEU A 93 0.09 12.54 1.04
C LEU A 93 -0.28 13.50 -0.07
N GLN A 94 -1.03 14.55 0.25
CA GLN A 94 -1.44 15.48 -0.80
C GLN A 94 -0.26 16.25 -1.37
N GLU A 95 0.65 16.72 -0.51
CA GLU A 95 1.83 17.40 -1.01
C GLU A 95 2.66 16.49 -1.89
N ALA A 96 2.88 15.25 -1.44
CA ALA A 96 3.67 14.33 -2.24
C ALA A 96 2.99 14.04 -3.58
N SER A 97 1.68 13.80 -3.58
CA SER A 97 0.99 13.45 -4.82
C SER A 97 0.96 14.62 -5.79
N GLU A 98 0.73 15.84 -5.29
CA GLU A 98 0.76 16.99 -6.19
C GLU A 98 2.14 17.21 -6.78
N ALA A 99 3.19 17.06 -5.96
CA ALA A 99 4.53 17.20 -6.51
C ALA A 99 4.83 16.13 -7.53
N TYR A 100 4.41 14.89 -7.27
CA TYR A 100 4.63 13.80 -8.20
C TYR A 100 3.90 14.05 -9.51
N LEU A 101 2.65 14.49 -9.45
CA LEU A 101 1.90 14.72 -10.67
C LEU A 101 2.43 15.92 -11.44
N VAL A 102 2.88 16.96 -10.75
CA VAL A 102 3.47 18.10 -11.45
C VAL A 102 4.75 17.68 -12.16
N GLY A 103 5.61 16.91 -11.49
CA GLY A 103 6.80 16.41 -12.17
C GLY A 103 6.46 15.51 -13.34
N LEU A 104 5.45 14.66 -13.17
CA LEU A 104 5.03 13.78 -14.26
C LEU A 104 4.51 14.56 -15.44
N PHE A 105 3.79 15.66 -15.19
CA PHE A 105 3.28 16.46 -16.29
C PHE A 105 4.38 17.28 -16.94
N GLU A 106 5.42 17.66 -16.21
CA GLU A 106 6.58 18.25 -16.87
C GLU A 106 7.25 17.26 -17.82
N ASP A 107 7.44 16.02 -17.37
CA ASP A 107 7.99 15.00 -18.26
C ASP A 107 7.08 14.73 -19.45
N THR A 108 5.78 14.67 -19.21
CA THR A 108 4.81 14.46 -20.28
C THR A 108 4.83 15.60 -21.29
N ASN A 109 5.00 16.84 -20.82
CA ASN A 109 5.09 17.97 -21.73
C ASN A 109 6.35 17.89 -22.56
N LEU A 110 7.46 17.46 -21.97
CA LEU A 110 8.66 17.25 -22.77
C LEU A 110 8.42 16.20 -23.85
N CYS A 111 7.75 15.11 -23.50
CA CYS A 111 7.45 14.08 -24.49
C CYS A 111 6.57 14.64 -25.60
N ALA A 112 5.56 15.43 -25.25
CA ALA A 112 4.66 15.99 -26.26
C ALA A 112 5.39 16.93 -27.20
N ILE A 113 6.27 17.79 -26.67
CA ILE A 113 7.03 18.68 -27.53
C ILE A 113 7.98 17.89 -28.41
N HIS A 114 8.57 16.83 -27.88
CA HIS A 114 9.49 16.00 -28.66
C HIS A 114 8.81 15.49 -29.93
N ALA A 115 7.57 15.05 -29.82
CA ALA A 115 6.82 14.50 -30.95
C ALA A 115 6.21 15.56 -31.84
N LYS A 116 6.66 16.82 -31.74
CA LYS A 116 6.16 17.92 -32.54
C LYS A 116 4.66 18.15 -32.29
N ARG A 117 4.33 18.43 -31.04
CA ARG A 117 2.97 18.71 -30.63
C ARG A 117 2.98 19.72 -29.49
N VAL A 118 1.78 20.15 -29.10
CA VAL A 118 1.63 20.99 -27.92
C VAL A 118 0.66 20.32 -26.95
N THR A 119 -0.26 19.51 -27.46
CA THR A 119 -1.17 18.79 -26.60
C THR A 119 -0.51 17.53 -26.08
N ILE A 120 -0.72 17.25 -24.81
CA ILE A 120 -0.22 16.03 -24.20
C ILE A 120 -1.29 14.95 -24.34
N MET A 121 -0.88 13.74 -24.68
CA MET A 121 -1.76 12.62 -24.92
C MET A 121 -1.29 11.46 -24.07
N PRO A 122 -2.14 10.46 -23.83
CA PRO A 122 -1.75 9.38 -22.92
C PRO A 122 -0.47 8.66 -23.33
N LYS A 123 -0.16 8.64 -24.63
CA LYS A 123 1.11 8.04 -25.05
C LYS A 123 2.30 8.80 -24.49
N ASP A 124 2.16 10.11 -24.32
CA ASP A 124 3.24 10.88 -23.69
C ASP A 124 3.42 10.51 -22.22
N ILE A 125 2.32 10.36 -21.49
CA ILE A 125 2.42 9.96 -20.09
C ILE A 125 3.05 8.58 -19.98
N GLN A 126 2.62 7.67 -20.84
CA GLN A 126 3.17 6.32 -20.81
C GLN A 126 4.66 6.30 -21.15
N LEU A 127 5.08 7.11 -22.13
CA LEU A 127 6.49 7.18 -22.45
C LEU A 127 7.29 7.73 -21.28
N ALA A 128 6.80 8.78 -20.64
CA ALA A 128 7.52 9.34 -19.50
C ALA A 128 7.64 8.33 -18.37
N ARG A 129 6.55 7.62 -18.07
CA ARG A 129 6.59 6.62 -17.02
C ARG A 129 7.53 5.48 -17.37
N ARG A 130 7.52 5.02 -18.63
CA ARG A 130 8.42 3.95 -19.02
C ARG A 130 9.87 4.38 -18.90
N ILE A 131 10.19 5.60 -19.34
CA ILE A 131 11.58 6.04 -19.33
C ILE A 131 12.07 6.24 -17.91
N ARG A 132 11.21 6.76 -17.03
CA ARG A 132 11.62 6.88 -15.63
C ARG A 132 11.67 5.54 -14.91
N GLY A 133 11.20 4.47 -15.54
CA GLY A 133 11.30 3.16 -14.96
C GLY A 133 10.12 2.75 -14.11
N GLU A 134 9.14 3.63 -13.93
CA GLU A 134 7.97 3.31 -13.12
C GLU A 134 7.14 2.21 -13.77
N ARG A 135 6.99 2.27 -15.09
CA ARG A 135 6.19 1.27 -15.79
C ARG A 135 7.06 0.42 -16.71
N VAL B 22 -19.71 2.00 2.32
CA VAL B 22 -18.30 2.37 2.38
C VAL B 22 -18.01 3.51 1.43
N LEU B 23 -16.74 3.63 1.03
CA LEU B 23 -16.31 4.65 0.07
C LEU B 23 -16.09 3.98 -1.27
N ARG B 24 -16.72 4.52 -2.32
CA ARG B 24 -16.63 3.92 -3.64
C ARG B 24 -16.53 5.00 -4.70
N ASP B 25 -15.64 4.79 -5.67
CA ASP B 25 -15.49 5.66 -6.84
C ASP B 25 -15.25 7.10 -6.42
N ASN B 26 -14.32 7.28 -5.48
CA ASN B 26 -13.87 8.62 -5.12
C ASN B 26 -12.68 9.08 -5.93
N ILE B 27 -12.21 8.26 -6.88
CA ILE B 27 -11.14 8.69 -7.77
C ILE B 27 -11.64 9.78 -8.69
N GLN B 28 -12.95 9.81 -8.99
CA GLN B 28 -13.53 10.90 -9.75
C GLN B 28 -13.57 12.21 -8.97
N GLY B 29 -13.33 12.16 -7.66
CA GLY B 29 -13.16 13.39 -6.89
C GLY B 29 -11.94 14.18 -7.30
N ILE B 30 -10.99 13.54 -7.97
CA ILE B 30 -9.88 14.25 -8.59
C ILE B 30 -10.37 14.76 -9.92
N THR B 31 -10.88 15.99 -9.92
CA THR B 31 -11.73 16.45 -11.00
C THR B 31 -10.90 16.83 -12.23
N LYS B 32 -11.59 16.96 -13.35
CA LYS B 32 -10.94 17.45 -14.56
C LYS B 32 -10.34 18.84 -14.37
N PRO B 33 -11.02 19.82 -13.76
CA PRO B 33 -10.34 21.09 -13.46
C PRO B 33 -9.12 20.96 -12.58
N ALA B 34 -9.12 20.06 -11.60
CA ALA B 34 -7.95 19.90 -10.75
C ALA B 34 -6.76 19.34 -11.53
N ILE B 35 -7.01 18.36 -12.39
CA ILE B 35 -5.96 17.83 -13.24
C ILE B 35 -5.44 18.91 -14.17
N ARG B 36 -6.34 19.76 -14.67
CA ARG B 36 -5.91 20.86 -15.54
C ARG B 36 -5.04 21.85 -14.78
N ARG B 37 -5.37 22.14 -13.52
CA ARG B 37 -4.52 23.04 -12.74
C ARG B 37 -3.14 22.43 -12.50
N LEU B 38 -3.09 21.12 -12.19
CA LEU B 38 -1.81 20.46 -12.03
C LEU B 38 -0.98 20.52 -13.31
N ALA B 39 -1.62 20.27 -14.44
CA ALA B 39 -0.89 20.33 -15.70
C ALA B 39 -0.41 21.74 -16.01
N ARG B 40 -1.23 22.75 -15.73
CA ARG B 40 -0.82 24.13 -15.98
C ARG B 40 0.37 24.51 -15.11
N ARG B 41 0.38 24.07 -13.85
CA ARG B 41 1.57 24.27 -13.04
C ARG B 41 2.76 23.54 -13.64
N GLY B 42 2.55 22.33 -14.14
CA GLY B 42 3.61 21.66 -14.87
C GLY B 42 3.98 22.37 -16.16
N GLY B 43 3.07 23.15 -16.72
CA GLY B 43 3.38 24.02 -17.82
C GLY B 43 2.93 23.54 -19.18
N VAL B 44 1.75 22.94 -19.27
CA VAL B 44 1.25 22.42 -20.53
C VAL B 44 0.08 23.28 -21.01
N LYS B 45 0.02 23.49 -22.32
CA LYS B 45 -0.94 24.41 -22.90
C LYS B 45 -2.26 23.74 -23.24
N ARG B 46 -2.22 22.70 -24.05
CA ARG B 46 -3.40 21.95 -24.44
C ARG B 46 -3.33 20.56 -23.86
N ILE B 47 -4.47 20.06 -23.40
CA ILE B 47 -4.56 18.77 -22.73
C ILE B 47 -5.57 17.92 -23.48
N SER B 48 -5.16 16.75 -23.92
CA SER B 48 -6.07 15.88 -24.63
C SER B 48 -7.20 15.44 -23.71
N GLY B 49 -8.19 14.76 -24.29
CA GLY B 49 -9.35 14.39 -23.52
C GLY B 49 -9.21 13.14 -22.70
N LEU B 50 -8.14 12.37 -22.89
CA LEU B 50 -7.94 11.13 -22.16
C LEU B 50 -6.87 11.24 -21.09
N ILE B 51 -6.18 12.39 -21.03
CA ILE B 51 -5.18 12.63 -20.01
C ILE B 51 -5.81 12.54 -18.63
N TYR B 52 -7.10 12.85 -18.52
CA TYR B 52 -7.75 12.82 -17.22
C TYR B 52 -7.82 11.40 -16.66
N GLU B 53 -8.31 10.45 -17.47
CA GLU B 53 -8.34 9.06 -17.03
C GLU B 53 -6.93 8.53 -16.80
N GLU B 54 -6.00 8.87 -17.69
CA GLU B 54 -4.63 8.40 -17.50
C GLU B 54 -4.05 8.91 -16.18
N THR B 55 -4.28 10.17 -15.86
CA THR B 55 -3.74 10.75 -14.64
C THR B 55 -4.43 10.20 -13.40
N ARG B 56 -5.73 9.91 -13.49
CA ARG B 56 -6.39 9.28 -12.35
C ARG B 56 -5.80 7.91 -12.08
N GLY B 57 -5.54 7.13 -13.14
CA GLY B 57 -4.88 5.84 -12.92
C GLY B 57 -3.49 5.98 -12.33
N VAL B 58 -2.72 6.95 -12.83
CA VAL B 58 -1.37 7.16 -12.31
C VAL B 58 -1.41 7.56 -10.84
N LEU B 59 -2.30 8.47 -10.48
CA LEU B 59 -2.41 8.91 -9.10
C LEU B 59 -2.85 7.78 -8.19
N LYS B 60 -3.79 6.96 -8.64
CA LYS B 60 -4.23 5.84 -7.81
C LYS B 60 -3.09 4.85 -7.60
N VAL B 61 -2.28 4.60 -8.63
CA VAL B 61 -1.15 3.70 -8.46
C VAL B 61 -0.15 4.27 -7.47
N PHE B 62 0.20 5.56 -7.61
CA PHE B 62 1.16 6.16 -6.69
C PHE B 62 0.66 6.12 -5.26
N LEU B 63 -0.62 6.48 -5.07
CA LEU B 63 -1.18 6.47 -3.73
C LEU B 63 -1.21 5.07 -3.14
N GLU B 64 -1.56 4.07 -3.93
CA GLU B 64 -1.56 2.72 -3.40
C GLU B 64 -0.16 2.31 -2.96
N ASN B 65 0.84 2.62 -3.79
CA ASN B 65 2.21 2.26 -3.44
C ASN B 65 2.64 2.94 -2.15
N VAL B 66 2.31 4.22 -1.98
CA VAL B 66 2.73 4.91 -0.76
C VAL B 66 1.95 4.41 0.44
N ILE B 67 0.63 4.23 0.29
CA ILE B 67 -0.21 3.88 1.42
C ILE B 67 0.12 2.49 1.92
N ARG B 68 0.53 1.58 1.04
CA ARG B 68 0.90 0.25 1.52
C ARG B 68 2.05 0.34 2.52
N ASP B 69 3.08 1.11 2.19
CA ASP B 69 4.22 1.25 3.09
C ASP B 69 3.87 2.05 4.33
N ALA B 70 3.01 3.06 4.19
CA ALA B 70 2.56 3.80 5.35
C ALA B 70 1.80 2.91 6.31
N VAL B 71 0.94 2.05 5.80
CA VAL B 71 0.18 1.13 6.64
C VAL B 71 1.10 0.09 7.24
N THR B 72 2.10 -0.37 6.51
CA THR B 72 3.04 -1.32 7.09
C THR B 72 3.79 -0.68 8.26
N TYR B 73 4.26 0.55 8.09
CA TYR B 73 4.95 1.24 9.18
C TYR B 73 4.03 1.44 10.36
N THR B 74 2.76 1.77 10.11
CA THR B 74 1.80 1.94 11.19
C THR B 74 1.56 0.64 11.94
N GLU B 75 1.40 -0.46 11.22
CA GLU B 75 1.19 -1.75 11.88
C GLU B 75 2.39 -2.13 12.73
N HIS B 76 3.59 -1.96 12.19
CA HIS B 76 4.75 -2.36 12.96
C HIS B 76 4.85 -1.64 14.28
N ALA B 77 4.36 -0.41 14.36
CA ALA B 77 4.38 0.33 15.61
C ALA B 77 3.17 0.04 16.48
N LYS B 78 2.32 -0.90 16.07
CA LYS B 78 1.15 -1.31 16.85
C LYS B 78 0.22 -0.14 17.11
N ARG B 79 -0.04 0.64 16.06
CA ARG B 79 -0.95 1.78 16.13
C ARG B 79 -2.09 1.57 15.16
N LYS B 80 -3.19 2.26 15.44
CA LYS B 80 -4.35 2.27 14.55
C LYS B 80 -4.45 3.56 13.75
N THR B 81 -3.54 4.52 13.97
CA THR B 81 -3.61 5.84 13.36
C THR B 81 -2.36 6.05 12.52
N VAL B 82 -2.56 6.37 11.24
CA VAL B 82 -1.44 6.59 10.33
C VAL B 82 -0.87 7.98 10.58
N THR B 83 0.33 8.02 11.15
CA THR B 83 0.99 9.27 11.48
C THR B 83 1.58 9.91 10.23
N ALA B 84 1.87 11.21 10.32
CA ALA B 84 2.59 11.87 9.24
C ALA B 84 4.00 11.35 9.12
N MET B 85 4.57 10.87 10.22
CA MET B 85 5.89 10.27 10.16
C MET B 85 5.87 8.97 9.37
N ASP B 86 4.79 8.21 9.46
CA ASP B 86 4.67 7.00 8.64
C ASP B 86 4.64 7.35 7.17
N VAL B 87 3.91 8.40 6.80
CA VAL B 87 3.84 8.79 5.40
C VAL B 87 5.20 9.28 4.92
N VAL B 88 5.87 10.11 5.71
CA VAL B 88 7.16 10.61 5.24
C VAL B 88 8.19 9.50 5.20
N TYR B 89 8.10 8.51 6.10
CA TYR B 89 8.97 7.34 6.00
C TYR B 89 8.67 6.52 4.76
N ALA B 90 7.39 6.35 4.41
CA ALA B 90 7.06 5.62 3.20
C ALA B 90 7.60 6.31 1.96
N LEU B 91 7.44 7.64 1.90
CA LEU B 91 7.97 8.40 0.77
C LEU B 91 9.48 8.33 0.72
N LYS B 92 10.14 8.41 1.88
CA LYS B 92 11.59 8.29 1.91
C LYS B 92 12.03 6.92 1.42
N ARG B 93 11.28 5.88 1.79
CA ARG B 93 11.60 4.54 1.33
C ARG B 93 11.45 4.43 -0.18
N GLN B 94 10.42 5.06 -0.73
CA GLN B 94 10.20 5.01 -2.16
C GLN B 94 11.19 5.87 -2.93
N GLY B 95 11.97 6.70 -2.25
CA GLY B 95 12.91 7.57 -2.91
C GLY B 95 12.39 8.95 -3.22
N ARG B 96 11.47 9.48 -2.40
CA ARG B 96 10.81 10.75 -2.64
C ARG B 96 10.76 11.58 -1.37
N THR B 97 11.89 11.74 -0.71
CA THR B 97 11.99 12.46 0.56
C THR B 97 11.09 13.69 0.59
N LEU B 98 10.42 13.90 1.72
CA LEU B 98 9.50 15.02 1.89
C LEU B 98 9.92 15.85 3.09
N TYR B 99 10.06 17.15 2.90
CA TYR B 99 10.51 18.07 3.94
C TYR B 99 9.34 18.89 4.46
N GLY B 100 9.24 19.00 5.78
CA GLY B 100 8.25 19.85 6.39
C GLY B 100 7.20 19.14 7.22
N PHE B 101 7.34 17.84 7.48
CA PHE B 101 6.38 17.12 8.30
C PHE B 101 7.06 16.31 9.40
N GLY B 102 8.36 16.47 9.59
CA GLY B 102 9.08 15.72 10.61
C GLY B 102 10.49 15.38 10.18
N ALA C 13 26.79 -31.99 26.45
CA ALA C 13 25.63 -32.33 25.63
C ALA C 13 26.02 -32.46 24.16
N LYS C 14 25.21 -33.19 23.40
CA LYS C 14 25.49 -33.40 21.98
C LYS C 14 25.26 -32.12 21.19
N ALA C 15 26.22 -31.78 20.33
CA ALA C 15 26.14 -30.55 19.55
C ALA C 15 25.04 -30.63 18.50
N LYS C 16 24.52 -29.47 18.12
CA LYS C 16 23.46 -29.38 17.13
C LYS C 16 23.44 -27.96 16.59
N THR C 17 23.56 -27.82 15.27
CA THR C 17 23.49 -26.50 14.67
C THR C 17 22.06 -25.97 14.68
N ARG C 18 21.92 -24.66 14.85
CA ARG C 18 20.61 -24.04 14.78
C ARG C 18 20.04 -24.12 13.37
N SER C 19 20.91 -24.17 12.36
CA SER C 19 20.43 -24.31 10.99
C SER C 19 19.66 -25.61 10.82
N SER C 20 20.17 -26.70 11.40
CA SER C 20 19.49 -27.98 11.31
C SER C 20 18.25 -28.03 12.18
N ARG C 21 18.26 -27.32 13.30
CA ARG C 21 17.10 -27.31 14.19
C ARG C 21 15.89 -26.67 13.52
N ALA C 22 16.12 -25.59 12.77
CA ALA C 22 15.05 -24.91 12.06
C ALA C 22 14.81 -25.46 10.66
N GLY C 23 15.55 -26.50 10.27
CA GLY C 23 15.39 -27.07 8.94
C GLY C 23 15.80 -26.15 7.81
N LEU C 24 16.95 -25.49 7.95
CA LEU C 24 17.45 -24.57 6.94
C LEU C 24 18.82 -25.02 6.46
N GLN C 25 19.07 -24.82 5.16
CA GLN C 25 20.41 -25.02 4.63
C GLN C 25 21.34 -23.86 4.96
N PHE C 26 20.82 -22.64 5.01
CA PHE C 26 21.65 -21.48 5.24
C PHE C 26 22.11 -21.42 6.69
N PRO C 27 23.25 -20.77 6.96
CA PRO C 27 23.82 -20.78 8.31
C PRO C 27 23.11 -19.78 9.21
N VAL C 28 22.36 -20.29 10.19
CA VAL C 28 21.74 -19.39 11.15
C VAL C 28 22.78 -18.74 12.04
N GLY C 29 23.83 -19.48 12.40
CA GLY C 29 24.87 -18.93 13.24
C GLY C 29 25.66 -17.82 12.56
N ARG C 30 26.03 -18.03 11.29
CA ARG C 30 26.76 -16.99 10.57
C ARG C 30 25.91 -15.74 10.36
N VAL C 31 24.62 -15.92 10.08
CA VAL C 31 23.73 -14.78 9.94
C VAL C 31 23.61 -14.04 11.27
N HIS C 32 23.56 -14.78 12.38
CA HIS C 32 23.51 -14.14 13.68
C HIS C 32 24.78 -13.35 13.95
N ARG C 33 25.93 -13.91 13.60
CA ARG C 33 27.19 -13.19 13.80
C ARG C 33 27.23 -11.93 12.94
N LEU C 34 26.75 -12.01 11.71
CA LEU C 34 26.75 -10.84 10.85
C LEU C 34 25.80 -9.78 11.38
N LEU C 35 24.63 -10.18 11.88
CA LEU C 35 23.70 -9.20 12.45
C LEU C 35 24.30 -8.55 13.69
N ARG C 36 25.00 -9.30 14.51
CA ARG C 36 25.63 -8.73 15.70
C ARG C 36 26.74 -7.75 15.31
N LYS C 37 27.66 -8.17 14.45
CA LYS C 37 28.84 -7.38 14.17
C LYS C 37 28.63 -6.31 13.12
N GLY C 38 27.50 -6.30 12.43
CA GLY C 38 27.23 -5.33 11.40
C GLY C 38 26.72 -4.00 11.88
N ASN C 39 26.46 -3.86 13.19
CA ASN C 39 25.99 -2.61 13.78
C ASN C 39 24.62 -2.22 13.23
N TYR C 40 23.69 -3.16 13.29
CA TYR C 40 22.32 -2.86 12.89
C TYR C 40 21.46 -2.44 14.08
N ALA C 41 21.66 -3.05 15.24
CA ALA C 41 21.04 -2.56 16.47
C ALA C 41 21.89 -3.01 17.64
N GLU C 42 21.60 -2.42 18.80
CA GLU C 42 22.35 -2.74 20.00
C GLU C 42 22.19 -4.21 20.38
N ARG C 43 21.03 -4.80 20.08
CA ARG C 43 20.76 -6.21 20.37
C ARG C 43 20.06 -6.82 19.18
N VAL C 44 20.16 -8.15 19.06
CA VAL C 44 19.43 -8.90 18.04
C VAL C 44 18.73 -10.06 18.72
N GLY C 45 17.46 -10.26 18.37
CA GLY C 45 16.69 -11.33 18.97
C GLY C 45 17.20 -12.68 18.56
N ALA C 46 16.76 -13.71 19.29
CA ALA C 46 17.22 -15.06 19.00
C ALA C 46 16.61 -15.58 17.70
N GLY C 47 15.36 -15.22 17.41
CA GLY C 47 14.70 -15.68 16.21
C GLY C 47 14.99 -14.88 14.97
N ALA C 48 15.63 -13.72 15.10
CA ALA C 48 15.94 -12.92 13.93
C ALA C 48 16.87 -13.63 12.96
N PRO C 49 17.98 -14.23 13.38
CA PRO C 49 18.80 -14.97 12.40
C PRO C 49 18.07 -16.11 11.75
N VAL C 50 17.20 -16.81 12.48
CA VAL C 50 16.44 -17.90 11.87
C VAL C 50 15.51 -17.37 10.79
N TYR C 51 14.81 -16.28 11.07
CA TYR C 51 13.92 -15.68 10.08
C TYR C 51 14.70 -15.21 8.86
N LEU C 52 15.80 -14.51 9.09
CA LEU C 52 16.57 -13.97 7.98
C LEU C 52 17.18 -15.07 7.13
N ALA C 53 17.71 -16.12 7.77
CA ALA C 53 18.26 -17.24 7.01
C ALA C 53 17.18 -17.96 6.22
N ALA C 54 15.99 -18.10 6.79
CA ALA C 54 14.90 -18.71 6.03
C ALA C 54 14.54 -17.89 4.81
N VAL C 55 14.46 -16.57 4.95
CA VAL C 55 14.13 -15.72 3.81
C VAL C 55 15.22 -15.80 2.75
N LEU C 56 16.48 -15.76 3.17
CA LEU C 56 17.57 -15.85 2.21
C LEU C 56 17.55 -17.18 1.47
N GLU C 57 17.30 -18.28 2.18
CA GLU C 57 17.21 -19.56 1.52
C GLU C 57 16.05 -19.61 0.55
N TYR C 58 14.91 -19.01 0.90
CA TYR C 58 13.79 -19.00 -0.02
C TYR C 58 14.12 -18.24 -1.29
N LEU C 59 14.73 -17.06 -1.16
CA LEU C 59 15.05 -16.28 -2.35
C LEU C 59 16.06 -16.99 -3.21
N THR C 60 17.09 -17.56 -2.59
CA THR C 60 18.09 -18.30 -3.37
C THR C 60 17.45 -19.50 -4.08
N ALA C 61 16.59 -20.23 -3.39
CA ALA C 61 15.93 -21.36 -4.01
C ALA C 61 15.07 -20.94 -5.18
N GLU C 62 14.32 -19.85 -5.03
CA GLU C 62 13.48 -19.37 -6.12
C GLU C 62 14.31 -19.00 -7.34
N ILE C 63 15.33 -18.16 -7.15
CA ILE C 63 16.12 -17.71 -8.29
C ILE C 63 16.89 -18.86 -8.90
N LEU C 64 17.37 -19.80 -8.09
CA LEU C 64 18.12 -20.92 -8.65
C LEU C 64 17.22 -21.90 -9.38
N GLU C 65 16.00 -22.09 -8.91
CA GLU C 65 15.07 -22.92 -9.66
C GLU C 65 14.75 -22.30 -11.01
N LEU C 66 14.55 -20.98 -11.04
CA LEU C 66 14.29 -20.32 -12.32
C LEU C 66 15.51 -20.40 -13.24
N ALA C 67 16.70 -20.20 -12.69
CA ALA C 67 17.91 -20.28 -13.51
C ALA C 67 18.14 -21.68 -14.04
N GLY C 68 17.84 -22.71 -13.22
CA GLY C 68 17.95 -24.07 -13.69
C GLY C 68 16.97 -24.38 -14.80
N ASN C 69 15.73 -23.86 -14.69
CA ASN C 69 14.79 -24.03 -15.77
C ASN C 69 15.28 -23.36 -17.05
N ALA C 70 15.84 -22.15 -16.93
CA ALA C 70 16.34 -21.46 -18.11
C ALA C 70 17.52 -22.21 -18.73
N ALA C 71 18.40 -22.75 -17.91
CA ALA C 71 19.50 -23.56 -18.44
C ALA C 71 18.98 -24.82 -19.12
N ARG C 72 17.95 -25.44 -18.54
CA ARG C 72 17.36 -26.63 -19.16
C ARG C 72 16.70 -26.29 -20.49
N ASP C 73 16.15 -25.09 -20.61
CA ASP C 73 15.64 -24.61 -21.90
C ASP C 73 16.73 -24.26 -22.87
N ASN C 74 17.98 -24.63 -22.54
CA ASN C 74 19.13 -24.38 -23.39
C ASN C 74 20.01 -25.62 -23.52
N LYS C 75 19.53 -26.77 -23.07
CA LYS C 75 20.28 -28.04 -23.16
C LYS C 75 21.65 -27.91 -22.51
N LYS C 76 21.71 -27.27 -21.35
CA LYS C 76 22.94 -27.16 -20.58
C LYS C 76 22.65 -27.50 -19.13
N THR C 77 23.59 -28.19 -18.49
CA THR C 77 23.47 -28.58 -17.09
C THR C 77 24.35 -27.75 -16.18
N ARG C 78 24.83 -26.61 -16.64
CA ARG C 78 25.66 -25.73 -15.82
C ARG C 78 25.10 -24.32 -15.92
N ILE C 79 24.69 -23.77 -14.78
CA ILE C 79 24.14 -22.43 -14.75
C ILE C 79 25.23 -21.39 -14.94
N ILE C 80 24.99 -20.44 -15.83
CA ILE C 80 25.95 -19.36 -16.10
C ILE C 80 25.21 -18.04 -15.97
N PRO C 81 25.93 -16.94 -15.74
CA PRO C 81 25.28 -15.64 -15.54
C PRO C 81 24.20 -15.31 -16.55
N ARG C 82 24.33 -15.78 -17.79
CA ARG C 82 23.27 -15.54 -18.76
C ARG C 82 21.95 -16.14 -18.29
N HIS C 83 22.00 -17.36 -17.75
CA HIS C 83 20.78 -18.02 -17.29
C HIS C 83 20.24 -17.35 -16.03
N LEU C 84 21.13 -16.84 -15.18
CA LEU C 84 20.66 -16.07 -14.02
C LEU C 84 19.91 -14.83 -14.47
N GLN C 85 20.43 -14.12 -15.48
CA GLN C 85 19.72 -12.94 -15.95
C GLN C 85 18.42 -13.31 -16.64
N LEU C 86 18.40 -14.41 -17.39
CA LEU C 86 17.15 -14.85 -18.01
C LEU C 86 16.10 -15.12 -16.95
N ALA C 87 16.47 -15.84 -15.90
CA ALA C 87 15.53 -16.14 -14.83
C ALA C 87 15.03 -14.87 -14.16
N VAL C 88 15.94 -13.94 -13.86
CA VAL C 88 15.54 -12.74 -13.13
C VAL C 88 14.63 -11.87 -13.98
N ARG C 89 15.01 -11.64 -15.25
CA ARG C 89 14.25 -10.72 -16.07
C ARG C 89 12.95 -11.33 -16.61
N ASN C 90 12.82 -12.65 -16.61
CA ASN C 90 11.56 -13.26 -17.01
C ASN C 90 10.59 -13.44 -15.86
N ASP C 91 10.95 -13.00 -14.65
CA ASP C 91 10.07 -13.05 -13.49
C ASP C 91 9.60 -11.63 -13.19
N GLU C 92 8.30 -11.45 -13.04
CA GLU C 92 7.76 -10.11 -12.86
C GLU C 92 7.98 -9.57 -11.45
N GLU C 93 8.34 -10.41 -10.48
CA GLU C 93 8.63 -9.96 -9.13
C GLU C 93 10.12 -9.84 -8.87
N LEU C 94 10.91 -10.84 -9.26
CA LEU C 94 12.35 -10.74 -9.14
C LEU C 94 12.90 -9.59 -9.95
N ASN C 95 12.25 -9.24 -11.06
CA ASN C 95 12.66 -8.08 -11.83
C ASN C 95 12.50 -6.81 -11.03
N LYS C 96 11.38 -6.69 -10.30
CA LYS C 96 11.20 -5.53 -9.42
C LYS C 96 12.20 -5.54 -8.29
N LEU C 97 12.51 -6.72 -7.74
CA LEU C 97 13.50 -6.81 -6.67
C LEU C 97 14.89 -6.44 -7.18
N LEU C 98 15.32 -7.04 -8.29
CA LEU C 98 16.62 -6.74 -8.89
C LEU C 98 16.43 -5.76 -10.04
N GLY C 99 16.00 -4.56 -9.69
CA GLY C 99 15.72 -3.55 -10.69
C GLY C 99 16.88 -2.61 -10.94
N GLY C 100 17.55 -2.20 -9.88
CA GLY C 100 18.71 -1.34 -10.00
C GLY C 100 20.02 -2.05 -10.18
N VAL C 101 20.02 -3.37 -10.29
CA VAL C 101 21.25 -4.14 -10.34
C VAL C 101 21.53 -4.57 -11.77
N THR C 102 22.78 -4.93 -12.04
CA THR C 102 23.19 -5.49 -13.32
C THR C 102 24.01 -6.73 -13.07
N ILE C 103 23.54 -7.87 -13.58
CA ILE C 103 24.29 -9.11 -13.47
C ILE C 103 25.41 -9.08 -14.50
N ALA C 104 26.65 -9.18 -14.03
CA ALA C 104 27.78 -9.19 -14.93
C ALA C 104 27.74 -10.42 -15.83
N GLN C 105 28.24 -10.26 -17.05
CA GLN C 105 28.32 -11.33 -18.04
C GLN C 105 26.95 -11.83 -18.48
N GLY C 106 25.89 -11.08 -18.19
CA GLY C 106 24.55 -11.41 -18.63
C GLY C 106 24.10 -10.45 -19.72
N GLY C 107 23.43 -10.98 -20.73
CA GLY C 107 23.05 -10.18 -21.87
C GLY C 107 21.85 -9.31 -21.60
N VAL C 108 20.96 -9.19 -22.58
CA VAL C 108 19.69 -8.51 -22.41
C VAL C 108 18.59 -9.43 -22.93
N LEU C 109 17.38 -9.20 -22.45
CA LEU C 109 16.26 -10.01 -22.90
C LEU C 109 16.01 -9.77 -24.39
N PRO C 110 15.91 -10.82 -25.19
CA PRO C 110 15.60 -10.63 -26.62
C PRO C 110 14.26 -9.94 -26.81
N ASN C 111 14.29 -8.71 -27.32
CA ASN C 111 13.09 -7.89 -27.42
C ASN C 111 13.30 -6.84 -28.51
N ILE C 112 12.65 -7.03 -29.65
CA ILE C 112 12.63 -6.05 -30.73
C ILE C 112 11.20 -5.53 -30.85
N GLN C 113 11.04 -4.21 -30.77
CA GLN C 113 9.71 -3.63 -30.69
C GLN C 113 8.91 -3.91 -31.96
N SER C 114 7.60 -4.12 -31.79
CA SER C 114 6.76 -4.54 -32.90
C SER C 114 6.71 -3.48 -33.99
N VAL C 115 6.58 -2.20 -33.61
CA VAL C 115 6.54 -1.14 -34.60
C VAL C 115 7.86 -1.05 -35.36
N LEU C 116 8.97 -1.36 -34.69
CA LEU C 116 10.27 -1.36 -35.37
C LEU C 116 10.33 -2.45 -36.43
N LEU C 117 9.80 -3.64 -36.12
CA LEU C 117 9.86 -4.75 -37.06
C LEU C 117 8.94 -4.48 -38.25
N PRO C 118 9.44 -4.57 -39.48
CA PRO C 118 8.57 -4.38 -40.64
C PRO C 118 7.59 -5.55 -40.79
N LYS C 119 6.44 -5.24 -41.37
CA LYS C 119 5.40 -6.25 -41.59
C LYS C 119 5.39 -6.74 -43.02
N SER D 33 43.73 -15.35 4.52
CA SER D 33 42.79 -15.54 5.63
C SER D 33 41.49 -16.17 5.12
N ARG D 34 40.68 -16.66 6.05
CA ARG D 34 39.40 -17.25 5.69
C ARG D 34 38.51 -16.24 5.02
N LYS D 35 37.87 -16.65 3.92
CA LYS D 35 36.91 -15.82 3.20
C LYS D 35 35.52 -16.41 3.39
N GLU D 36 34.62 -15.61 3.95
CA GLU D 36 33.26 -16.08 4.18
C GLU D 36 32.43 -15.95 2.92
N SER D 37 31.69 -16.99 2.58
CA SER D 37 30.85 -17.00 1.41
C SER D 37 29.70 -17.97 1.63
N TYR D 38 28.67 -17.83 0.80
CA TYR D 38 27.53 -18.74 0.82
C TYR D 38 27.62 -19.78 -0.29
N ALA D 39 28.82 -20.05 -0.79
CA ALA D 39 28.97 -20.98 -1.89
C ALA D 39 28.48 -22.36 -1.51
N ILE D 40 28.84 -22.83 -0.31
CA ILE D 40 28.41 -24.16 0.12
C ILE D 40 26.90 -24.23 0.21
N TYR D 41 26.28 -23.20 0.80
CA TYR D 41 24.84 -23.24 1.03
C TYR D 41 24.06 -23.00 -0.25
N VAL D 42 24.57 -22.14 -1.14
CA VAL D 42 23.94 -21.98 -2.44
C VAL D 42 24.01 -23.30 -3.20
N TYR D 43 25.14 -24.00 -3.12
CA TYR D 43 25.25 -25.29 -3.79
C TYR D 43 24.29 -26.31 -3.21
N LYS D 44 24.14 -26.32 -1.88
CA LYS D 44 23.19 -27.25 -1.25
C LYS D 44 21.76 -26.94 -1.67
N VAL D 45 21.39 -25.66 -1.73
CA VAL D 45 20.03 -25.31 -2.16
C VAL D 45 19.82 -25.70 -3.62
N LEU D 46 20.83 -25.48 -4.46
CA LEU D 46 20.72 -25.87 -5.86
C LEU D 46 20.51 -27.37 -5.99
N LYS D 47 21.29 -28.16 -5.26
CA LYS D 47 21.09 -29.60 -5.27
C LYS D 47 19.71 -29.97 -4.74
N GLN D 48 19.16 -29.14 -3.86
CA GLN D 48 17.82 -29.39 -3.38
C GLN D 48 16.77 -29.15 -4.47
N VAL D 49 16.96 -28.11 -5.28
CA VAL D 49 15.95 -27.77 -6.29
C VAL D 49 16.25 -28.43 -7.64
N HIS D 50 17.52 -28.50 -8.03
CA HIS D 50 17.92 -29.12 -9.29
C HIS D 50 19.00 -30.15 -9.01
N PRO D 51 18.63 -31.42 -8.82
CA PRO D 51 19.61 -32.42 -8.40
C PRO D 51 20.76 -32.62 -9.37
N ASP D 52 20.53 -32.50 -10.67
CA ASP D 52 21.53 -32.83 -11.67
C ASP D 52 21.94 -31.63 -12.51
N THR D 53 21.90 -30.44 -11.93
CA THR D 53 22.34 -29.21 -12.60
C THR D 53 23.46 -28.58 -11.80
N GLY D 54 24.60 -28.35 -12.44
CA GLY D 54 25.71 -27.70 -11.80
C GLY D 54 25.63 -26.20 -11.93
N ILE D 55 26.59 -25.52 -11.31
CA ILE D 55 26.64 -24.06 -11.35
C ILE D 55 28.09 -23.63 -11.57
N SER D 56 28.27 -22.62 -12.41
CA SER D 56 29.58 -22.10 -12.75
C SER D 56 30.13 -21.27 -11.60
N SER D 57 31.44 -21.00 -11.67
CA SER D 57 32.07 -20.19 -10.63
C SER D 57 31.59 -18.75 -10.70
N LYS D 58 31.46 -18.18 -11.90
CA LYS D 58 30.98 -16.81 -12.01
C LYS D 58 29.53 -16.70 -11.56
N ALA D 59 28.70 -17.69 -11.91
CA ALA D 59 27.34 -17.70 -11.40
C ALA D 59 27.31 -17.84 -9.90
N MET D 60 28.26 -18.59 -9.34
CA MET D 60 28.36 -18.67 -7.89
C MET D 60 28.70 -17.31 -7.28
N SER D 61 29.60 -16.56 -7.92
CA SER D 61 29.90 -15.22 -7.43
C SER D 61 28.68 -14.32 -7.51
N ILE D 62 27.91 -14.43 -8.59
CA ILE D 62 26.69 -13.63 -8.72
C ILE D 62 25.71 -13.98 -7.62
N MET D 63 25.51 -15.27 -7.34
CA MET D 63 24.58 -15.66 -6.29
C MET D 63 25.07 -15.22 -4.92
N ASN D 64 26.37 -15.32 -4.66
CA ASN D 64 26.91 -14.87 -3.39
C ASN D 64 26.69 -13.38 -3.20
N SER D 65 26.92 -12.59 -4.25
CA SER D 65 26.67 -11.15 -4.16
C SER D 65 25.19 -10.86 -3.98
N PHE D 66 24.33 -11.66 -4.61
CA PHE D 66 22.89 -11.48 -4.44
C PHE D 66 22.48 -11.72 -3.00
N VAL D 67 22.97 -12.79 -2.39
CA VAL D 67 22.63 -13.08 -1.00
C VAL D 67 23.14 -11.99 -0.08
N ASN D 68 24.38 -11.53 -0.30
CA ASN D 68 24.91 -10.45 0.53
C ASN D 68 24.10 -9.18 0.39
N ASP D 69 23.73 -8.81 -0.84
CA ASP D 69 22.97 -7.58 -1.04
C ASP D 69 21.59 -7.66 -0.42
N VAL D 70 20.89 -8.79 -0.57
CA VAL D 70 19.56 -8.91 0.00
C VAL D 70 19.64 -8.94 1.53
N PHE D 71 20.65 -9.62 2.07
CA PHE D 71 20.83 -9.60 3.52
C PHE D 71 21.06 -8.18 4.01
N GLU D 72 21.87 -7.42 3.30
CA GLU D 72 22.13 -6.04 3.72
C GLU D 72 20.87 -5.21 3.64
N ARG D 73 20.07 -5.36 2.59
CA ARG D 73 18.82 -4.61 2.48
C ARG D 73 17.89 -4.92 3.63
N ILE D 74 17.65 -6.21 3.89
CA ILE D 74 16.69 -6.59 4.91
C ILE D 74 17.17 -6.18 6.29
N ALA D 75 18.45 -6.39 6.59
CA ALA D 75 18.96 -6.01 7.90
C ALA D 75 18.95 -4.50 8.08
N GLY D 76 19.28 -3.74 7.03
CA GLY D 76 19.24 -2.29 7.15
C GLY D 76 17.85 -1.76 7.35
N GLU D 77 16.86 -2.32 6.63
CA GLU D 77 15.49 -1.89 6.85
C GLU D 77 15.02 -2.25 8.26
N ALA D 78 15.43 -3.42 8.75
CA ALA D 78 15.10 -3.78 10.13
C ALA D 78 15.74 -2.82 11.12
N SER D 79 16.96 -2.37 10.82
CA SER D 79 17.62 -1.40 11.69
C SER D 79 16.86 -0.08 11.72
N ARG D 80 16.41 0.39 10.56
CA ARG D 80 15.62 1.63 10.54
C ARG D 80 14.30 1.44 11.28
N LEU D 81 13.67 0.29 11.13
CA LEU D 81 12.42 0.01 11.86
C LEU D 81 12.65 0.00 13.35
N ALA D 82 13.76 -0.57 13.80
CA ALA D 82 14.08 -0.54 15.22
C ALA D 82 14.30 0.88 15.70
N HIS D 83 15.04 1.68 14.91
CA HIS D 83 15.36 3.02 15.35
C HIS D 83 14.13 3.91 15.41
N TYR D 84 13.21 3.75 14.45
CA TYR D 84 12.03 4.60 14.42
C TYR D 84 11.18 4.43 15.66
N ASN D 85 11.04 3.19 16.13
CA ASN D 85 10.16 2.87 17.23
C ASN D 85 10.86 2.92 18.58
N LYS D 86 12.05 3.51 18.65
CA LYS D 86 12.80 3.64 19.89
C LYS D 86 13.09 2.30 20.54
N ARG D 87 13.16 1.25 19.74
CA ARG D 87 13.52 -0.08 20.19
C ARG D 87 14.99 -0.30 19.94
N SER D 88 15.67 -0.94 20.89
CA SER D 88 17.10 -1.18 20.78
C SER D 88 17.43 -2.59 20.34
N THR D 89 16.46 -3.37 19.90
CA THR D 89 16.69 -4.75 19.52
C THR D 89 16.05 -5.05 18.17
N ILE D 90 16.75 -5.85 17.37
CA ILE D 90 16.23 -6.36 16.11
C ILE D 90 15.71 -7.76 16.37
N THR D 91 14.43 -7.96 16.15
CA THR D 91 13.81 -9.23 16.45
C THR D 91 13.13 -9.76 15.19
N SER D 92 12.52 -10.94 15.31
CA SER D 92 11.90 -11.57 14.16
C SER D 92 10.78 -10.73 13.58
N ARG D 93 10.06 -10.00 14.44
CA ARG D 93 8.96 -9.17 13.96
C ARG D 93 9.45 -8.06 13.05
N GLU D 94 10.58 -7.44 13.39
CA GLU D 94 11.11 -6.37 12.55
C GLU D 94 11.67 -6.93 11.25
N ILE D 95 12.24 -8.14 11.28
CA ILE D 95 12.65 -8.77 10.04
C ILE D 95 11.45 -9.04 9.16
N GLN D 96 10.35 -9.48 9.76
CA GLN D 96 9.15 -9.76 8.97
C GLN D 96 8.60 -8.48 8.35
N THR D 97 8.58 -7.39 9.11
CA THR D 97 8.11 -6.12 8.55
C THR D 97 9.05 -5.63 7.46
N ALA D 98 10.36 -5.78 7.64
CA ALA D 98 11.30 -5.40 6.59
C ALA D 98 11.10 -6.22 5.33
N VAL D 99 10.77 -7.50 5.48
CA VAL D 99 10.46 -8.34 4.32
C VAL D 99 9.17 -7.88 3.65
N ARG D 100 8.18 -7.47 4.44
CA ARG D 100 6.97 -6.90 3.85
C ARG D 100 7.26 -5.61 3.10
N LEU D 101 8.23 -4.82 3.56
CA LEU D 101 8.56 -3.56 2.92
C LEU D 101 9.37 -3.76 1.65
N LEU D 102 10.30 -4.70 1.65
CA LEU D 102 11.26 -4.79 0.56
C LEU D 102 10.81 -5.71 -0.56
N LEU D 103 10.45 -6.93 -0.22
CA LEU D 103 10.11 -7.87 -1.27
C LEU D 103 8.74 -7.55 -1.85
N PRO D 104 8.58 -7.60 -3.17
CA PRO D 104 7.30 -7.22 -3.78
C PRO D 104 6.30 -8.36 -3.95
N GLY D 105 5.09 -8.16 -3.44
CA GLY D 105 3.99 -9.04 -3.77
C GLY D 105 4.16 -10.48 -3.32
N GLU D 106 4.00 -11.40 -4.28
CA GLU D 106 4.01 -12.82 -3.96
C GLU D 106 5.34 -13.25 -3.38
N LEU D 107 6.44 -12.58 -3.77
CA LEU D 107 7.70 -12.81 -3.10
C LEU D 107 7.58 -12.51 -1.61
N ALA D 108 6.96 -11.40 -1.26
CA ALA D 108 6.77 -11.07 0.15
C ALA D 108 5.92 -12.12 0.84
N LYS D 109 4.83 -12.54 0.20
CA LYS D 109 3.94 -13.51 0.82
C LYS D 109 4.67 -14.82 1.12
N HIS D 110 5.35 -15.37 0.12
CA HIS D 110 5.98 -16.67 0.31
C HIS D 110 7.20 -16.60 1.20
N ALA D 111 8.00 -15.53 1.09
CA ALA D 111 9.14 -15.39 1.98
C ALA D 111 8.70 -15.25 3.42
N VAL D 112 7.63 -14.49 3.67
CA VAL D 112 7.08 -14.36 5.01
C VAL D 112 6.63 -15.71 5.54
N SER D 113 5.93 -16.48 4.70
CA SER D 113 5.49 -17.81 5.14
C SER D 113 6.68 -18.68 5.50
N GLU D 114 7.73 -18.64 4.68
CA GLU D 114 8.90 -19.46 4.94
C GLU D 114 9.58 -19.06 6.24
N GLY D 115 9.69 -17.77 6.49
CA GLY D 115 10.31 -17.32 7.73
C GLY D 115 9.50 -17.72 8.95
N THR D 116 8.18 -17.56 8.90
CA THR D 116 7.36 -17.98 10.03
C THR D 116 7.47 -19.48 10.26
N LYS D 117 7.48 -20.28 9.20
CA LYS D 117 7.60 -21.72 9.37
C LYS D 117 8.92 -22.09 10.01
N ALA D 118 10.01 -21.46 9.56
CA ALA D 118 11.31 -21.79 10.13
C ALA D 118 11.43 -21.36 11.59
N VAL D 119 10.92 -20.17 11.93
CA VAL D 119 11.01 -19.73 13.32
C VAL D 119 10.12 -20.59 14.20
N THR D 120 8.92 -20.94 13.74
CA THR D 120 8.06 -21.82 14.51
C THR D 120 8.75 -23.16 14.77
N LYS D 121 9.38 -23.73 13.75
CA LYS D 121 10.06 -25.02 13.95
C LYS D 121 11.24 -24.87 14.89
N TYR D 122 11.96 -23.76 14.82
CA TYR D 122 13.10 -23.55 15.70
C TYR D 122 12.67 -23.43 17.15
N THR D 123 11.67 -22.60 17.43
CA THR D 123 11.25 -22.37 18.80
C THR D 123 10.70 -23.63 19.44
N SER D 124 9.84 -24.35 18.72
CA SER D 124 9.20 -25.54 19.28
C SER D 124 10.19 -26.64 19.63
N ALA D 125 11.35 -26.66 18.98
CA ALA D 125 12.35 -27.68 19.25
C ALA D 125 13.09 -27.37 20.55
N LYS E 38 26.31 -10.06 -61.47
CA LYS E 38 25.04 -9.59 -60.92
C LYS E 38 24.92 -9.93 -59.45
N PRO E 39 25.51 -9.09 -58.59
CA PRO E 39 25.46 -9.36 -57.15
C PRO E 39 24.04 -9.35 -56.61
N HIS E 40 23.81 -10.20 -55.60
CA HIS E 40 22.56 -10.24 -54.86
C HIS E 40 22.79 -9.65 -53.48
N ARG E 41 22.00 -8.63 -53.14
CA ARG E 41 22.13 -7.92 -51.88
C ARG E 41 20.86 -8.04 -51.06
N TYR E 42 20.90 -7.46 -49.87
CA TYR E 42 19.77 -7.47 -48.95
C TYR E 42 19.27 -6.05 -48.71
N ARG E 43 18.01 -5.96 -48.31
CA ARG E 43 17.44 -4.69 -47.91
C ARG E 43 18.20 -4.18 -46.68
N PRO E 44 18.41 -2.87 -46.55
CA PRO E 44 19.13 -2.36 -45.37
C PRO E 44 18.48 -2.72 -44.04
N GLY E 45 17.16 -2.96 -44.03
CA GLY E 45 16.50 -3.27 -42.78
C GLY E 45 16.89 -4.62 -42.20
N THR E 46 17.05 -5.63 -43.05
CA THR E 46 17.16 -7.01 -42.56
C THR E 46 18.49 -7.27 -41.87
N VAL E 47 19.60 -6.75 -42.42
CA VAL E 47 20.89 -7.01 -41.79
C VAL E 47 20.97 -6.34 -40.43
N ALA E 48 20.30 -5.20 -40.26
CA ALA E 48 20.22 -4.59 -38.94
C ALA E 48 19.52 -5.49 -37.95
N LEU E 49 18.43 -6.14 -38.38
CA LEU E 49 17.72 -7.07 -37.51
C LEU E 49 18.55 -8.30 -37.19
N ARG E 50 19.31 -8.79 -38.17
CA ARG E 50 20.20 -9.93 -37.89
C ARG E 50 21.26 -9.54 -36.88
N GLU E 51 21.81 -8.34 -37.00
CA GLU E 51 22.76 -7.86 -35.99
C GLU E 51 22.10 -7.75 -34.62
N ILE E 52 20.86 -7.27 -34.58
CA ILE E 52 20.16 -7.18 -33.29
C ILE E 52 20.02 -8.56 -32.67
N ARG E 53 19.63 -9.54 -33.48
CA ARG E 53 19.46 -10.89 -32.95
C ARG E 53 20.79 -11.44 -32.42
N ARG E 54 21.86 -11.30 -33.21
CA ARG E 54 23.15 -11.84 -32.79
C ARG E 54 23.65 -11.16 -31.53
N TYR E 55 23.51 -9.84 -31.44
CA TYR E 55 24.03 -9.09 -30.31
C TYR E 55 23.12 -9.10 -29.10
N GLN E 56 21.89 -9.60 -29.23
CA GLN E 56 21.04 -9.82 -28.07
C GLN E 56 21.06 -11.25 -27.55
N LYS E 57 21.41 -12.22 -28.39
CA LYS E 57 21.53 -13.59 -27.90
C LYS E 57 22.83 -13.85 -27.14
N SER E 58 23.79 -12.95 -27.22
CA SER E 58 25.12 -13.17 -26.67
C SER E 58 25.32 -12.34 -25.40
N THR E 59 26.49 -12.53 -24.79
CA THR E 59 26.89 -11.79 -23.61
C THR E 59 28.25 -11.13 -23.75
N GLU E 60 28.87 -11.22 -24.92
CA GLU E 60 30.21 -10.70 -25.11
C GLU E 60 30.26 -9.20 -24.85
N LEU E 61 31.43 -8.73 -24.44
CA LEU E 61 31.64 -7.29 -24.29
C LEU E 61 31.77 -6.66 -25.68
N LEU E 62 31.03 -5.57 -25.89
CA LEU E 62 30.91 -4.96 -27.20
C LEU E 62 31.94 -3.88 -27.46
N ILE E 63 32.73 -3.51 -26.46
CA ILE E 63 33.79 -2.52 -26.61
C ILE E 63 35.12 -3.24 -26.47
N ARG E 64 36.06 -2.94 -27.36
CA ARG E 64 37.37 -3.56 -27.28
C ARG E 64 38.06 -3.16 -25.97
N LYS E 65 38.79 -4.12 -25.39
CA LYS E 65 39.28 -3.96 -24.03
C LYS E 65 40.31 -2.85 -23.91
N LEU E 66 41.33 -2.87 -24.77
CA LEU E 66 42.44 -1.93 -24.62
C LEU E 66 42.04 -0.47 -24.77
N PRO E 67 41.27 -0.06 -25.78
CA PRO E 67 40.86 1.35 -25.83
C PRO E 67 40.05 1.79 -24.63
N PHE E 68 39.17 0.91 -24.14
CA PHE E 68 38.40 1.27 -22.96
C PHE E 68 39.29 1.39 -21.73
N GLN E 69 40.27 0.50 -21.60
CA GLN E 69 41.17 0.58 -20.47
C GLN E 69 41.99 1.87 -20.51
N ARG E 70 42.45 2.25 -21.70
CA ARG E 70 43.18 3.52 -21.82
C ARG E 70 42.28 4.70 -21.49
N LEU E 71 41.02 4.65 -21.93
CA LEU E 71 40.09 5.73 -21.62
C LEU E 71 39.88 5.84 -20.11
N VAL E 72 39.66 4.72 -19.44
CA VAL E 72 39.46 4.72 -18.00
C VAL E 72 40.69 5.28 -17.29
N ARG E 73 41.88 4.85 -17.72
CA ARG E 73 43.09 5.33 -17.08
C ARG E 73 43.27 6.83 -17.29
N GLU E 74 42.92 7.35 -18.47
CA GLU E 74 43.02 8.78 -18.69
C GLU E 74 42.03 9.56 -17.83
N ILE E 75 40.79 9.08 -17.74
CA ILE E 75 39.79 9.74 -16.92
C ILE E 75 40.22 9.77 -15.47
N ALA E 76 40.81 8.68 -14.98
CA ALA E 76 41.32 8.67 -13.61
C ALA E 76 42.52 9.58 -13.47
N GLN E 77 43.37 9.65 -14.50
CA GLN E 77 44.52 10.55 -14.47
C GLN E 77 44.08 11.99 -14.26
N ASP E 78 42.92 12.34 -14.81
CA ASP E 78 42.40 13.70 -14.59
C ASP E 78 42.20 13.99 -13.10
N PHE E 79 41.80 12.99 -12.32
CA PHE E 79 41.55 13.17 -10.90
C PHE E 79 42.84 13.09 -10.10
N THR E 81 46.83 11.56 -9.93
CA THR E 81 47.90 11.08 -10.79
C THR E 81 48.50 9.77 -10.28
N ASP E 82 49.36 9.17 -11.09
CA ASP E 82 50.05 7.91 -10.82
C ASP E 82 49.17 6.87 -10.15
N LEU E 83 47.98 6.64 -10.71
CA LEU E 83 47.04 5.68 -10.15
C LEU E 83 47.12 4.35 -10.88
N ARG E 84 46.91 3.27 -10.15
CA ARG E 84 46.96 1.92 -10.68
C ARG E 84 45.60 1.26 -10.55
N PHE E 85 45.31 0.35 -11.47
CA PHE E 85 44.02 -0.30 -11.55
C PHE E 85 44.18 -1.81 -11.51
N GLN E 86 43.35 -2.46 -10.72
CA GLN E 86 43.22 -3.90 -10.84
C GLN E 86 42.53 -4.24 -12.15
N SER E 87 42.90 -5.39 -12.72
CA SER E 87 42.23 -5.84 -13.93
C SER E 87 40.74 -6.03 -13.69
N SER E 88 40.39 -6.57 -12.53
CA SER E 88 38.99 -6.68 -12.16
C SER E 88 38.33 -5.31 -12.09
N ALA E 89 39.06 -4.27 -11.70
CA ALA E 89 38.46 -2.95 -11.63
C ALA E 89 38.04 -2.47 -13.01
N VAL E 90 38.92 -2.60 -13.99
CA VAL E 90 38.60 -2.16 -15.35
C VAL E 90 37.51 -3.03 -15.93
N MET E 91 37.53 -4.33 -15.65
CA MET E 91 36.44 -5.18 -16.14
C MET E 91 35.10 -4.77 -15.53
N ALA E 92 35.07 -4.45 -14.24
CA ALA E 92 33.83 -4.01 -13.61
C ALA E 92 33.34 -2.70 -14.21
N LEU E 93 34.26 -1.77 -14.45
CA LEU E 93 33.89 -0.51 -15.10
C LEU E 93 33.31 -0.77 -16.48
N GLN E 94 33.89 -1.71 -17.22
CA GLN E 94 33.39 -1.98 -18.56
C GLN E 94 32.00 -2.61 -18.51
N GLU E 95 31.78 -3.55 -17.60
CA GLU E 95 30.45 -4.15 -17.48
C GLU E 95 29.42 -3.08 -17.17
N ALA E 96 29.72 -2.22 -16.20
CA ALA E 96 28.78 -1.18 -15.82
C ALA E 96 28.52 -0.22 -16.97
N SER E 97 29.58 0.19 -17.68
CA SER E 97 29.43 1.15 -18.76
C SER E 97 28.62 0.58 -19.91
N GLU E 98 28.89 -0.66 -20.30
CA GLU E 98 28.13 -1.26 -21.38
C GLU E 98 26.67 -1.44 -20.99
N ALA E 99 26.40 -1.87 -19.76
CA ALA E 99 25.01 -2.00 -19.33
C ALA E 99 24.31 -0.65 -19.34
N TYR E 100 25.00 0.40 -18.89
CA TYR E 100 24.41 1.73 -18.88
C TYR E 100 24.10 2.21 -20.29
N LEU E 101 25.03 2.02 -21.22
CA LEU E 101 24.80 2.48 -22.58
C LEU E 101 23.70 1.68 -23.26
N VAL E 102 23.60 0.39 -22.97
CA VAL E 102 22.51 -0.39 -23.56
C VAL E 102 21.16 0.04 -23.01
N GLY E 103 21.06 0.28 -21.70
CA GLY E 103 19.82 0.80 -21.15
C GLY E 103 19.45 2.14 -21.74
N LEU E 104 20.44 3.02 -21.88
CA LEU E 104 20.21 4.34 -22.46
C LEU E 104 19.74 4.22 -23.90
N PHE E 105 20.28 3.26 -24.65
CA PHE E 105 19.86 3.12 -26.03
C PHE E 105 18.48 2.50 -26.15
N GLU E 106 18.08 1.66 -25.21
CA GLU E 106 16.69 1.20 -25.19
C GLU E 106 15.75 2.38 -24.97
N ASP E 107 16.07 3.25 -24.02
CA ASP E 107 15.23 4.43 -23.79
C ASP E 107 15.22 5.35 -25.00
N THR E 108 16.38 5.52 -25.64
CA THR E 108 16.46 6.33 -26.86
C THR E 108 15.62 5.75 -27.98
N ASN E 109 15.61 4.42 -28.10
CA ASN E 109 14.77 3.79 -29.10
C ASN E 109 13.30 4.06 -28.82
N LEU E 110 12.90 4.01 -27.55
CA LEU E 110 11.52 4.37 -27.21
C LEU E 110 11.22 5.82 -27.60
N CYS E 111 12.15 6.73 -27.34
CA CYS E 111 11.93 8.13 -27.71
C CYS E 111 11.79 8.28 -29.22
N ALA E 112 12.64 7.61 -29.99
CA ALA E 112 12.58 7.72 -31.44
C ALA E 112 11.29 7.12 -31.99
N ILE E 113 10.83 6.01 -31.42
CA ILE E 113 9.54 5.47 -31.81
C ILE E 113 8.43 6.44 -31.47
N HIS E 114 8.57 7.17 -30.37
CA HIS E 114 7.55 8.12 -29.96
C HIS E 114 7.37 9.22 -31.00
N ALA E 115 8.46 9.76 -31.53
CA ALA E 115 8.39 10.82 -32.52
C ALA E 115 8.03 10.33 -33.91
N LYS E 116 7.51 9.11 -34.02
CA LYS E 116 7.15 8.51 -35.30
C LYS E 116 8.36 8.41 -36.23
N ARG E 117 9.41 7.78 -35.74
CA ARG E 117 10.63 7.57 -36.50
C ARG E 117 11.11 6.14 -36.28
N VAL E 118 12.21 5.81 -36.95
CA VAL E 118 13.01 4.65 -36.58
C VAL E 118 14.47 5.02 -36.35
N THR E 119 14.96 6.10 -36.91
CA THR E 119 16.33 6.55 -36.67
C THR E 119 16.40 7.20 -35.29
N ILE E 120 17.37 6.81 -34.50
CA ILE E 120 17.60 7.46 -33.22
C ILE E 120 18.51 8.65 -33.43
N MET E 121 18.09 9.81 -32.97
CA MET E 121 18.81 11.04 -33.15
C MET E 121 19.22 11.61 -31.80
N PRO E 122 20.21 12.50 -31.74
CA PRO E 122 20.71 12.96 -30.44
C PRO E 122 19.64 13.58 -29.57
N LYS E 123 18.63 14.23 -30.17
CA LYS E 123 17.53 14.77 -29.39
C LYS E 123 16.84 13.68 -28.60
N ASP E 124 16.79 12.46 -29.12
CA ASP E 124 16.22 11.35 -28.36
C ASP E 124 17.06 11.03 -27.14
N ILE E 125 18.38 11.02 -27.29
CA ILE E 125 19.25 10.74 -26.16
C ILE E 125 19.08 11.81 -25.09
N GLN E 126 19.02 13.08 -25.52
CA GLN E 126 18.81 14.17 -24.55
C GLN E 126 17.46 14.04 -23.86
N LEU E 127 16.42 13.66 -24.59
CA LEU E 127 15.11 13.48 -23.97
C LEU E 127 15.16 12.37 -22.93
N ALA E 128 15.78 11.24 -23.26
CA ALA E 128 15.85 10.13 -22.30
C ALA E 128 16.64 10.53 -21.06
N ARG E 129 17.77 11.23 -21.25
CA ARG E 129 18.59 11.60 -20.12
C ARG E 129 17.94 12.69 -19.29
N ARG E 130 17.11 13.55 -19.89
CA ARG E 130 16.42 14.56 -19.11
C ARG E 130 15.26 13.96 -18.33
N ILE E 131 14.53 13.04 -18.96
CA ILE E 131 13.40 12.41 -18.26
C ILE E 131 13.90 11.53 -17.13
N ARG E 132 15.00 10.79 -17.35
CA ARG E 132 15.53 9.95 -16.28
C ARG E 132 16.16 10.77 -15.17
N GLY E 133 16.29 12.08 -15.35
CA GLY E 133 16.82 12.93 -14.31
C GLY E 133 18.32 13.12 -14.31
N GLU E 134 19.02 12.51 -15.27
CA GLU E 134 20.47 12.70 -15.37
C GLU E 134 20.84 14.07 -15.91
N ARG E 135 19.88 14.82 -16.45
CA ARG E 135 20.15 16.18 -16.91
C ARG E 135 18.97 17.09 -16.62
N LYS F 21 53.35 8.06 -20.23
CA LYS F 21 53.02 9.38 -20.78
C LYS F 21 51.60 9.80 -20.40
N VAL F 22 51.28 11.07 -20.65
CA VAL F 22 49.95 11.59 -20.39
C VAL F 22 49.07 11.30 -21.60
N LEU F 23 47.98 10.58 -21.40
CA LEU F 23 47.12 10.17 -22.49
C LEU F 23 46.34 11.37 -23.04
N ARG F 24 46.23 11.43 -24.38
CA ARG F 24 45.69 12.63 -25.00
C ARG F 24 44.16 12.65 -25.00
N ASP F 25 43.54 11.79 -25.81
CA ASP F 25 42.08 11.70 -25.82
C ASP F 25 41.58 10.30 -25.49
N ASN F 26 41.95 9.30 -26.29
CA ASN F 26 41.59 7.90 -26.07
C ASN F 26 40.08 7.66 -26.04
N ILE F 27 39.29 8.72 -26.24
CA ILE F 27 37.83 8.56 -26.26
C ILE F 27 37.36 8.02 -27.60
N GLN F 28 38.11 8.29 -28.68
CA GLN F 28 37.76 7.76 -29.99
C GLN F 28 37.92 6.24 -30.05
N GLY F 29 38.60 5.64 -29.07
CA GLY F 29 38.65 4.20 -28.99
C GLY F 29 37.31 3.55 -28.75
N ILE F 30 36.33 4.31 -28.25
CA ILE F 30 34.95 3.86 -28.25
C ILE F 30 34.45 4.08 -29.66
N THR F 31 34.63 3.06 -30.50
CA THR F 31 34.57 3.26 -31.94
C THR F 31 33.14 3.34 -32.42
N LYS F 32 32.99 3.83 -33.64
CA LYS F 32 31.68 3.83 -34.30
C LYS F 32 31.09 2.43 -34.40
N PRO F 33 31.82 1.39 -34.83
CA PRO F 33 31.24 0.05 -34.79
C PRO F 33 30.86 -0.41 -33.40
N ALA F 34 31.61 -0.04 -32.38
CA ALA F 34 31.27 -0.45 -31.03
C ALA F 34 29.99 0.20 -30.56
N ILE F 35 29.82 1.49 -30.88
CA ILE F 35 28.58 2.18 -30.54
C ILE F 35 27.41 1.56 -31.30
N ARG F 36 27.64 1.17 -32.55
CA ARG F 36 26.57 0.50 -33.28
C ARG F 36 26.22 -0.85 -32.65
N ARG F 37 27.22 -1.59 -32.18
CA ARG F 37 26.94 -2.85 -31.49
C ARG F 37 26.14 -2.64 -30.22
N LEU F 38 26.50 -1.62 -29.44
CA LEU F 38 25.74 -1.31 -28.24
C LEU F 38 24.31 -0.91 -28.58
N ALA F 39 24.13 -0.12 -29.63
CA ALA F 39 22.79 0.28 -30.02
C ALA F 39 21.98 -0.91 -30.48
N ARG F 40 22.59 -1.82 -31.24
CA ARG F 40 21.88 -3.00 -31.71
C ARG F 40 21.46 -3.89 -30.55
N ARG F 41 22.31 -4.01 -29.52
CA ARG F 41 21.88 -4.73 -28.33
C ARG F 41 20.69 -4.06 -27.67
N GLY F 42 20.54 -2.75 -27.86
CA GLY F 42 19.34 -2.08 -27.38
C GLY F 42 18.12 -2.25 -28.24
N GLY F 43 18.30 -2.75 -29.46
CA GLY F 43 17.19 -3.02 -30.34
C GLY F 43 16.81 -1.85 -31.21
N VAL F 44 17.78 -1.23 -31.87
CA VAL F 44 17.54 -0.05 -32.69
C VAL F 44 17.98 -0.35 -34.12
N LYS F 45 17.18 0.10 -35.08
CA LYS F 45 17.44 -0.22 -36.48
C LYS F 45 18.46 0.73 -37.10
N ARG F 46 18.11 2.00 -37.19
CA ARG F 46 18.96 3.01 -37.80
C ARG F 46 19.58 3.90 -36.75
N ILE F 47 20.76 4.43 -37.05
CA ILE F 47 21.52 5.27 -36.13
C ILE F 47 21.93 6.53 -36.87
N SER F 48 21.53 7.68 -36.34
CA SER F 48 21.94 8.94 -36.92
C SER F 48 23.43 9.17 -36.67
N GLY F 49 24.06 9.92 -37.57
CA GLY F 49 25.51 10.04 -37.54
C GLY F 49 26.05 10.81 -36.37
N LEU F 50 25.20 11.57 -35.67
CA LEU F 50 25.64 12.34 -34.52
C LEU F 50 25.50 11.57 -33.21
N ILE F 51 24.89 10.38 -33.26
CA ILE F 51 24.87 9.52 -32.10
C ILE F 51 26.27 9.13 -31.70
N TYR F 52 27.17 8.94 -32.67
CA TYR F 52 28.51 8.48 -32.37
C TYR F 52 29.30 9.48 -31.55
N GLU F 53 28.91 10.75 -31.55
CA GLU F 53 29.54 11.74 -30.69
C GLU F 53 28.74 12.00 -29.41
N GLU F 54 27.41 11.99 -29.51
CA GLU F 54 26.58 12.15 -28.32
C GLU F 54 26.85 11.03 -27.32
N THR F 55 26.98 9.79 -27.81
CA THR F 55 27.22 8.66 -26.92
C THR F 55 28.59 8.72 -26.29
N ARG F 56 29.60 9.20 -27.03
CA ARG F 56 30.91 9.38 -26.42
C ARG F 56 30.86 10.41 -25.30
N GLY F 57 30.13 11.50 -25.52
CA GLY F 57 29.95 12.45 -24.42
C GLY F 57 29.26 11.83 -23.21
N VAL F 58 28.21 11.05 -23.47
CA VAL F 58 27.47 10.41 -22.38
C VAL F 58 28.37 9.46 -21.60
N LEU F 59 29.15 8.65 -22.30
CA LEU F 59 30.02 7.70 -21.65
C LEU F 59 31.12 8.39 -20.86
N LYS F 60 31.68 9.46 -21.41
CA LYS F 60 32.69 10.21 -20.66
C LYS F 60 32.11 10.77 -19.38
N VAL F 61 30.89 11.28 -19.42
CA VAL F 61 30.27 11.80 -18.20
C VAL F 61 30.06 10.70 -17.17
N PHE F 62 29.50 9.57 -17.61
CA PHE F 62 29.24 8.47 -16.68
C PHE F 62 30.52 7.98 -16.04
N LEU F 63 31.55 7.75 -16.86
CA LEU F 63 32.80 7.26 -16.33
C LEU F 63 33.47 8.29 -15.43
N GLU F 64 33.35 9.58 -15.75
CA GLU F 64 33.93 10.59 -14.88
C GLU F 64 33.32 10.51 -13.49
N ASN F 65 32.00 10.40 -13.41
CA ASN F 65 31.36 10.30 -12.10
C ASN F 65 31.80 9.04 -11.35
N VAL F 66 31.73 7.88 -12.02
CA VAL F 66 32.02 6.62 -11.33
C VAL F 66 33.48 6.55 -10.92
N ILE F 67 34.39 6.99 -11.80
CA ILE F 67 35.81 7.00 -11.48
C ILE F 67 36.11 7.99 -10.37
N ARG F 68 35.41 9.12 -10.33
CA ARG F 68 35.60 10.06 -9.23
C ARG F 68 35.28 9.38 -7.90
N ASP F 69 34.15 8.69 -7.83
CA ASP F 69 33.80 8.06 -6.57
C ASP F 69 34.70 6.88 -6.23
N ALA F 70 35.15 6.12 -7.24
CA ALA F 70 36.06 5.01 -6.98
C ALA F 70 37.41 5.51 -6.49
N VAL F 71 37.91 6.59 -7.07
CA VAL F 71 39.17 7.16 -6.62
C VAL F 71 39.03 7.73 -5.22
N THR F 72 37.87 8.31 -4.89
CA THR F 72 37.68 8.76 -3.52
C THR F 72 37.71 7.60 -2.53
N TYR F 73 37.02 6.51 -2.86
CA TYR F 73 37.05 5.33 -2.00
C TYR F 73 38.46 4.79 -1.85
N THR F 74 39.23 4.77 -2.94
CA THR F 74 40.60 4.28 -2.88
C THR F 74 41.49 5.18 -2.05
N GLU F 75 41.45 6.48 -2.32
CA GLU F 75 42.32 7.42 -1.63
C GLU F 75 42.01 7.48 -0.15
N HIS F 76 40.75 7.32 0.23
CA HIS F 76 40.43 7.30 1.66
C HIS F 76 41.11 6.15 2.36
N ALA F 77 41.14 4.98 1.74
CA ALA F 77 41.74 3.81 2.35
C ALA F 77 43.26 3.80 2.27
N LYS F 78 43.86 4.94 1.93
CA LYS F 78 45.32 5.07 1.87
C LYS F 78 45.93 4.04 0.93
N ARG F 79 45.26 3.79 -0.20
CA ARG F 79 45.75 2.89 -1.21
C ARG F 79 46.22 3.67 -2.43
N LYS F 80 46.89 2.96 -3.33
CA LYS F 80 47.32 3.51 -4.61
C LYS F 80 46.75 2.73 -5.78
N THR F 81 46.04 1.64 -5.52
CA THR F 81 45.48 0.78 -6.54
C THR F 81 43.97 0.78 -6.40
N VAL F 82 43.26 0.98 -7.51
CA VAL F 82 41.80 1.00 -7.48
C VAL F 82 41.29 -0.43 -7.56
N THR F 83 40.83 -0.96 -6.44
CA THR F 83 40.32 -2.31 -6.38
C THR F 83 38.95 -2.40 -7.03
N ALA F 84 38.58 -3.62 -7.45
CA ALA F 84 37.25 -3.84 -7.99
C ALA F 84 36.18 -3.55 -6.96
N MET F 85 36.49 -3.74 -5.68
CA MET F 85 35.53 -3.40 -4.63
C MET F 85 35.26 -1.90 -4.60
N ASP F 86 36.27 -1.08 -4.84
CA ASP F 86 36.04 0.35 -4.93
C ASP F 86 35.09 0.67 -6.07
N VAL F 87 35.23 -0.01 -7.20
CA VAL F 87 34.34 0.26 -8.33
C VAL F 87 32.92 -0.18 -8.02
N VAL F 88 32.75 -1.34 -7.39
CA VAL F 88 31.38 -1.77 -7.11
C VAL F 88 30.75 -0.89 -6.04
N TYR F 89 31.53 -0.39 -5.08
CA TYR F 89 31.00 0.54 -4.10
C TYR F 89 30.63 1.87 -4.74
N ALA F 90 31.47 2.37 -5.65
CA ALA F 90 31.15 3.61 -6.35
C ALA F 90 29.88 3.46 -7.17
N LEU F 91 29.71 2.31 -7.83
CA LEU F 91 28.48 2.07 -8.57
C LEU F 91 27.29 1.98 -7.64
N LYS F 92 27.44 1.34 -6.49
CA LYS F 92 26.31 1.26 -5.56
C LYS F 92 25.94 2.63 -5.03
N ARG F 93 26.91 3.54 -4.92
CA ARG F 93 26.59 4.91 -4.53
C ARG F 93 25.70 5.58 -5.57
N GLN F 94 25.98 5.34 -6.85
CA GLN F 94 25.18 5.88 -7.94
C GLN F 94 23.82 5.20 -8.06
N GLY F 95 23.55 4.20 -7.24
CA GLY F 95 22.34 3.42 -7.40
C GLY F 95 22.38 2.49 -8.59
N ARG F 96 23.53 1.87 -8.84
CA ARG F 96 23.75 1.01 -10.00
C ARG F 96 24.50 -0.25 -9.58
N THR F 97 23.98 -0.94 -8.57
CA THR F 97 24.64 -2.13 -8.01
C THR F 97 25.15 -3.05 -9.10
N LEU F 98 26.34 -3.59 -8.89
CA LEU F 98 26.98 -4.51 -9.82
C LEU F 98 27.21 -5.85 -9.14
N TYR F 99 26.76 -6.92 -9.78
CA TYR F 99 26.88 -8.26 -9.23
C TYR F 99 28.00 -9.02 -9.93
N GLY F 100 28.75 -9.79 -9.15
CA GLY F 100 29.77 -10.67 -9.69
C GLY F 100 31.19 -10.24 -9.45
N PHE F 101 31.41 -9.10 -8.79
CA PHE F 101 32.74 -8.61 -8.49
C PHE F 101 32.91 -8.38 -6.99
N GLY F 102 32.39 -9.29 -6.20
CA GLY F 102 32.33 -9.10 -4.77
C GLY F 102 31.10 -8.30 -4.38
N GLY F 103 31.10 -7.87 -3.12
CA GLY F 103 30.02 -7.04 -2.61
C GLY F 103 29.29 -7.64 -1.43
N ALA G 13 36.67 25.37 37.81
CA ALA G 13 36.72 24.68 36.53
C ALA G 13 35.59 25.13 35.62
N LYS G 14 35.67 26.39 35.15
CA LYS G 14 34.57 26.98 34.39
C LYS G 14 34.35 26.23 33.08
N ALA G 15 33.08 26.03 32.74
CA ALA G 15 32.70 25.19 31.60
C ALA G 15 32.50 26.04 30.36
N LYS G 16 33.24 25.72 29.31
CA LYS G 16 33.10 26.37 28.02
C LYS G 16 32.67 25.33 26.99
N THR G 17 31.58 25.62 26.29
CA THR G 17 30.96 24.64 25.41
C THR G 17 31.91 24.25 24.28
N ARG G 18 31.83 22.99 23.86
CA ARG G 18 32.65 22.53 22.74
C ARG G 18 32.37 23.33 21.48
N SER G 19 31.10 23.69 21.26
CA SER G 19 30.76 24.51 20.10
C SER G 19 31.45 25.85 20.16
N SER G 20 31.46 26.49 21.34
CA SER G 20 32.16 27.76 21.47
C SER G 20 33.65 27.60 21.24
N ARG G 21 34.23 26.51 21.74
CA ARG G 21 35.64 26.25 21.52
C ARG G 21 35.95 26.11 20.04
N ALA G 22 35.06 25.43 19.31
CA ALA G 22 35.23 25.22 17.88
C ALA G 22 34.85 26.42 17.04
N GLY G 23 34.25 27.45 17.65
CA GLY G 23 33.87 28.64 16.92
C GLY G 23 32.64 28.49 16.06
N LEU G 24 31.77 27.53 16.37
CA LEU G 24 30.58 27.26 15.58
C LEU G 24 29.34 27.82 16.27
N GLN G 25 28.20 27.62 15.62
CA GLN G 25 26.90 27.84 16.23
C GLN G 25 26.11 26.56 16.42
N PHE G 26 26.35 25.55 15.59
CA PHE G 26 25.64 24.29 15.72
C PHE G 26 26.17 23.50 16.92
N PRO G 27 25.37 22.59 17.47
CA PRO G 27 25.75 21.93 18.73
C PRO G 27 26.70 20.78 18.48
N VAL G 28 27.92 20.91 19.00
CA VAL G 28 28.85 19.79 18.91
C VAL G 28 28.43 18.66 19.84
N GLY G 29 27.98 19.00 21.05
CA GLY G 29 27.59 17.97 21.99
C GLY G 29 26.40 17.16 21.51
N ARG G 30 25.38 17.84 20.99
CA ARG G 30 24.21 17.13 20.50
C ARG G 30 24.55 16.28 19.29
N VAL G 31 25.38 16.78 18.39
CA VAL G 31 25.77 16.01 17.22
C VAL G 31 26.57 14.78 17.64
N HIS G 32 27.46 14.95 18.63
CA HIS G 32 28.21 13.80 19.12
C HIS G 32 27.29 12.76 19.73
N ARG G 33 26.30 13.19 20.52
CA ARG G 33 25.37 12.25 21.11
C ARG G 33 24.57 11.53 20.03
N LEU G 34 24.14 12.24 19.00
CA LEU G 34 23.38 11.61 17.93
C LEU G 34 24.21 10.60 17.18
N LEU G 35 25.48 10.94 16.91
CA LEU G 35 26.37 9.98 16.26
C LEU G 35 26.56 8.74 17.12
N ARG G 36 26.67 8.93 18.43
CA ARG G 36 26.89 7.81 19.34
C ARG G 36 25.67 6.89 19.36
N LYS G 37 24.51 7.43 19.73
CA LYS G 37 23.32 6.62 19.86
C LYS G 37 22.76 6.17 18.51
N GLY G 38 23.21 6.76 17.41
CA GLY G 38 22.63 6.50 16.12
C GLY G 38 22.95 5.15 15.53
N ASN G 39 23.89 4.41 16.12
CA ASN G 39 24.32 3.10 15.62
C ASN G 39 24.99 3.23 14.25
N TYR G 40 25.99 4.10 14.18
CA TYR G 40 26.80 4.23 12.97
C TYR G 40 28.11 3.49 13.10
N ALA G 41 28.76 3.56 14.26
CA ALA G 41 29.97 2.80 14.49
C ALA G 41 30.08 2.53 15.98
N GLU G 42 30.90 1.55 16.32
CA GLU G 42 31.09 1.20 17.73
C GLU G 42 31.70 2.36 18.50
N ARG G 43 32.65 3.05 17.89
CA ARG G 43 33.32 4.18 18.52
C ARG G 43 33.18 5.40 17.62
N VAL G 44 33.18 6.57 18.23
CA VAL G 44 33.06 7.82 17.51
C VAL G 44 34.19 8.75 17.94
N GLY G 45 34.97 9.21 16.97
CA GLY G 45 36.14 10.00 17.27
C GLY G 45 35.78 11.32 17.90
N ALA G 46 36.80 11.99 18.42
CA ALA G 46 36.58 13.28 19.08
C ALA G 46 36.32 14.38 18.06
N GLY G 47 37.05 14.37 16.94
CA GLY G 47 36.87 15.38 15.91
C GLY G 47 35.72 15.15 14.97
N ALA G 48 35.13 13.97 14.97
CA ALA G 48 34.00 13.70 14.08
C ALA G 48 32.80 14.59 14.36
N PRO G 49 32.32 14.75 15.60
CA PRO G 49 31.18 15.65 15.80
C PRO G 49 31.47 17.08 15.42
N VAL G 50 32.69 17.56 15.68
CA VAL G 50 33.02 18.93 15.33
C VAL G 50 32.99 19.11 13.82
N TYR G 51 33.57 18.15 13.09
CA TYR G 51 33.55 18.24 11.64
C TYR G 51 32.13 18.23 11.10
N LEU G 52 31.30 17.32 11.61
CA LEU G 52 29.93 17.23 11.10
C LEU G 52 29.12 18.47 11.45
N ALA G 53 29.32 19.03 12.64
CA ALA G 53 28.61 20.26 12.99
C ALA G 53 29.04 21.41 12.11
N ALA G 54 30.34 21.50 11.80
CA ALA G 54 30.78 22.57 10.90
C ALA G 54 30.17 22.43 9.52
N VAL G 55 30.12 21.19 9.00
CA VAL G 55 29.52 20.98 7.68
C VAL G 55 28.05 21.34 7.69
N LEU G 56 27.32 20.91 8.72
CA LEU G 56 25.90 21.22 8.80
C LEU G 56 25.64 22.71 8.91
N GLU G 57 26.45 23.41 9.71
CA GLU G 57 26.31 24.86 9.80
C GLU G 57 26.60 25.52 8.47
N TYR G 58 27.61 25.05 7.74
CA TYR G 58 27.91 25.65 6.45
C TYR G 58 26.74 25.47 5.49
N LEU G 59 26.20 24.26 5.40
CA LEU G 59 25.10 24.03 4.47
C LEU G 59 23.88 24.85 4.85
N THR G 60 23.56 24.92 6.14
CA THR G 60 22.42 25.73 6.57
C THR G 60 22.65 27.19 6.24
N ALA G 61 23.85 27.70 6.49
CA ALA G 61 24.13 29.10 6.17
C ALA G 61 23.99 29.36 4.69
N GLU G 62 24.47 28.43 3.86
CA GLU G 62 24.37 28.62 2.41
C GLU G 62 22.91 28.69 1.96
N ILE G 63 22.11 27.70 2.36
CA ILE G 63 20.72 27.68 1.89
C ILE G 63 19.94 28.85 2.47
N LEU G 64 20.26 29.28 3.70
CA LEU G 64 19.56 30.42 4.28
C LEU G 64 20.00 31.74 3.66
N GLU G 65 21.26 31.86 3.24
CA GLU G 65 21.67 33.06 2.53
C GLU G 65 20.93 33.18 1.21
N LEU G 66 20.85 32.08 0.46
CA LEU G 66 20.07 32.12 -0.78
C LEU G 66 18.59 32.37 -0.51
N ALA G 67 18.05 31.78 0.56
CA ALA G 67 16.65 32.01 0.89
C ALA G 67 16.39 33.46 1.28
N GLY G 68 17.30 34.07 2.03
CA GLY G 68 17.13 35.46 2.38
C GLY G 68 17.19 36.36 1.16
N ASN G 69 18.08 36.05 0.21
CA ASN G 69 18.09 36.80 -1.04
C ASN G 69 16.76 36.66 -1.77
N ALA G 70 16.23 35.43 -1.83
CA ALA G 70 14.97 35.22 -2.52
C ALA G 70 13.82 35.95 -1.83
N ALA G 71 13.83 35.98 -0.51
CA ALA G 71 12.79 36.69 0.22
C ALA G 71 12.88 38.19 -0.01
N ARG G 72 14.09 38.73 -0.09
CA ARG G 72 14.22 40.15 -0.36
C ARG G 72 13.82 40.48 -1.80
N ASP G 73 14.05 39.57 -2.73
CA ASP G 73 13.63 39.80 -4.12
C ASP G 73 12.12 39.90 -4.24
N ASN G 74 11.36 39.38 -3.28
CA ASN G 74 9.92 39.55 -3.24
C ASN G 74 9.49 40.62 -2.27
N LYS G 75 10.42 41.44 -1.78
CA LYS G 75 10.13 42.53 -0.86
C LYS G 75 9.41 42.03 0.39
N LYS G 76 10.01 41.03 1.05
CA LYS G 76 9.46 40.46 2.26
C LYS G 76 10.57 40.29 3.29
N THR G 77 10.17 40.23 4.56
CA THR G 77 11.12 40.13 5.66
C THR G 77 11.10 38.78 6.36
N ARG G 78 10.32 37.82 5.88
CA ARG G 78 10.28 36.50 6.47
C ARG G 78 10.52 35.46 5.41
N ILE G 79 11.21 34.40 5.78
CA ILE G 79 11.52 33.30 4.88
C ILE G 79 10.43 32.24 5.02
N ILE G 80 9.80 31.90 3.92
CA ILE G 80 8.68 30.95 3.92
C ILE G 80 9.12 29.77 3.07
N PRO G 81 8.37 28.67 3.00
CA PRO G 81 8.81 27.55 2.17
C PRO G 81 9.06 27.91 0.72
N ARG G 82 8.31 28.86 0.16
CA ARG G 82 8.51 29.23 -1.24
C ARG G 82 9.91 29.76 -1.47
N HIS G 83 10.41 30.58 -0.55
CA HIS G 83 11.75 31.13 -0.71
C HIS G 83 12.81 30.06 -0.57
N LEU G 84 12.60 29.10 0.33
CA LEU G 84 13.53 27.98 0.43
C LEU G 84 13.55 27.18 -0.85
N GLN G 85 12.40 26.96 -1.47
CA GLN G 85 12.38 26.21 -2.73
C GLN G 85 13.02 26.98 -3.86
N LEU G 86 12.81 28.30 -3.92
CA LEU G 86 13.48 29.10 -4.93
C LEU G 86 14.99 29.05 -4.75
N ALA G 87 15.45 29.16 -3.50
CA ALA G 87 16.88 29.05 -3.22
C ALA G 87 17.42 27.70 -3.63
N VAL G 88 16.68 26.63 -3.34
CA VAL G 88 17.14 25.29 -3.68
C VAL G 88 17.22 25.11 -5.19
N ARG G 89 16.14 25.45 -5.90
CA ARG G 89 16.06 25.13 -7.31
C ARG G 89 16.92 26.04 -8.18
N ASN G 90 17.09 27.30 -7.78
CA ASN G 90 17.87 28.19 -8.63
C ASN G 90 19.36 27.92 -8.55
N ASP G 91 19.84 27.41 -7.41
CA ASP G 91 21.25 27.06 -7.27
C ASP G 91 21.48 25.64 -7.77
N GLU G 92 22.40 25.48 -8.71
CA GLU G 92 22.60 24.18 -9.33
C GLU G 92 23.15 23.15 -8.33
N GLU G 93 24.06 23.57 -7.45
CA GLU G 93 24.65 22.62 -6.52
C GLU G 93 23.66 22.17 -5.45
N LEU G 94 22.93 23.12 -4.85
CA LEU G 94 21.90 22.74 -3.88
C LEU G 94 20.77 21.97 -4.54
N ASN G 95 20.44 22.31 -5.79
CA ASN G 95 19.43 21.53 -6.51
C ASN G 95 19.91 20.10 -6.72
N LYS G 96 21.20 19.92 -7.04
CA LYS G 96 21.73 18.57 -7.21
C LYS G 96 21.73 17.80 -5.91
N LEU G 97 22.08 18.49 -4.80
CA LEU G 97 22.05 17.84 -3.49
C LEU G 97 20.64 17.42 -3.12
N LEU G 98 19.70 18.36 -3.22
CA LEU G 98 18.29 18.09 -2.91
C LEU G 98 17.55 17.76 -4.20
N GLY G 99 17.87 16.60 -4.75
CA GLY G 99 17.31 16.19 -6.02
C GLY G 99 15.95 15.53 -5.92
N GLY G 100 15.87 14.47 -5.13
CA GLY G 100 14.62 13.77 -4.91
C GLY G 100 13.78 14.35 -3.80
N VAL G 101 14.18 15.48 -3.24
CA VAL G 101 13.54 16.04 -2.06
C VAL G 101 12.38 16.93 -2.48
N THR G 102 11.25 16.78 -1.78
CA THR G 102 10.11 17.65 -1.95
C THR G 102 10.10 18.68 -0.82
N ILE G 103 10.07 19.96 -1.18
CA ILE G 103 9.93 21.03 -0.22
C ILE G 103 8.44 21.35 -0.13
N ALA G 104 7.80 20.85 0.93
CA ALA G 104 6.34 20.94 1.01
C ALA G 104 5.90 22.39 1.07
N GLN G 105 4.75 22.67 0.45
CA GLN G 105 4.19 24.02 0.39
C GLN G 105 5.15 24.99 -0.28
N GLY G 106 5.85 24.50 -1.30
CA GLY G 106 6.87 25.29 -1.95
C GLY G 106 6.62 25.62 -3.40
N GLY G 107 5.57 25.03 -3.99
CA GLY G 107 5.27 25.34 -5.37
C GLY G 107 6.32 24.80 -6.33
N VAL G 108 6.42 25.44 -7.49
CA VAL G 108 7.39 25.05 -8.51
C VAL G 108 8.10 26.29 -9.00
N LEU G 109 9.24 26.06 -9.64
CA LEU G 109 10.01 27.16 -10.21
C LEU G 109 9.29 27.69 -11.45
N PRO G 110 9.02 28.98 -11.54
CA PRO G 110 8.32 29.52 -12.73
C PRO G 110 9.15 29.36 -13.99
N ASN G 111 8.63 28.55 -14.92
CA ASN G 111 9.34 28.28 -16.17
C ASN G 111 8.36 27.68 -17.17
N ILE G 112 8.31 28.27 -18.36
CA ILE G 112 7.45 27.81 -19.45
C ILE G 112 8.32 27.44 -20.63
N GLN G 113 7.96 26.35 -21.32
CA GLN G 113 8.69 25.95 -22.52
C GLN G 113 8.59 27.03 -23.59
N SER G 114 9.69 27.22 -24.32
CA SER G 114 9.70 28.24 -25.37
C SER G 114 8.79 27.87 -26.53
N VAL G 115 8.59 26.59 -26.78
CA VAL G 115 7.68 26.15 -27.84
C VAL G 115 6.26 26.59 -27.53
N LEU G 116 5.84 26.45 -26.28
CA LEU G 116 4.48 26.78 -25.85
C LEU G 116 4.41 28.27 -25.52
N LEU G 117 4.54 29.08 -26.57
CA LEU G 117 4.59 30.52 -26.39
C LEU G 117 4.38 31.22 -27.73
N PRO G 118 3.60 32.30 -27.75
CA PRO G 118 3.41 33.03 -29.02
C PRO G 118 4.54 34.01 -29.29
N LYS G 119 5.66 33.83 -28.59
CA LYS G 119 6.84 34.69 -28.70
C LYS G 119 6.52 36.13 -28.29
N SER H 33 7.18 14.19 25.70
CA SER H 33 7.66 15.26 26.57
C SER H 33 8.57 16.19 25.80
N ARG H 34 9.84 16.26 26.21
CA ARG H 34 10.79 17.15 25.55
C ARG H 34 11.04 16.71 24.11
N LYS H 35 11.21 17.68 23.23
CA LYS H 35 11.48 17.43 21.82
C LYS H 35 12.72 18.19 21.40
N GLU H 36 13.66 17.49 20.76
CA GLU H 36 14.90 18.09 20.30
C GLU H 36 14.74 18.60 18.88
N SER H 37 15.37 19.73 18.59
CA SER H 37 15.25 20.38 17.29
C SER H 37 16.49 21.23 17.06
N TYR H 38 16.64 21.67 15.81
CA TYR H 38 17.73 22.56 15.41
C TYR H 38 17.26 24.00 15.26
N ALA H 39 16.08 24.33 15.78
CA ALA H 39 15.48 25.62 15.50
C ALA H 39 16.32 26.77 16.05
N ILE H 40 16.82 26.63 17.27
CA ILE H 40 17.60 27.73 17.85
C ILE H 40 18.88 27.95 17.08
N TYR H 41 19.52 26.88 16.63
CA TYR H 41 20.76 27.02 15.88
C TYR H 41 20.52 27.55 14.48
N VAL H 42 19.46 27.08 13.83
CA VAL H 42 19.09 27.63 12.54
C VAL H 42 18.82 29.12 12.67
N TYR H 43 18.16 29.53 13.74
CA TYR H 43 17.89 30.95 13.94
C TYR H 43 19.16 31.74 14.22
N LYS H 44 20.10 31.15 14.97
CA LYS H 44 21.39 31.83 15.19
C LYS H 44 22.12 32.05 13.87
N VAL H 45 22.17 31.03 13.03
CA VAL H 45 22.85 31.15 11.74
C VAL H 45 22.16 32.18 10.87
N LEU H 46 20.83 32.17 10.86
CA LEU H 46 20.09 33.14 10.06
C LEU H 46 20.36 34.56 10.54
N LYS H 47 20.39 34.77 11.85
CA LYS H 47 20.66 36.12 12.35
C LYS H 47 22.09 36.54 12.05
N GLN H 48 23.02 35.60 11.98
CA GLN H 48 24.38 36.00 11.64
C GLN H 48 24.61 36.15 10.14
N VAL H 49 23.71 35.63 9.31
CA VAL H 49 23.81 35.79 7.86
C VAL H 49 22.96 36.95 7.36
N HIS H 50 21.67 36.96 7.72
CA HIS H 50 20.74 38.04 7.40
C HIS H 50 20.23 38.63 8.70
N PRO H 51 20.85 39.68 9.21
CA PRO H 51 20.49 40.17 10.55
C PRO H 51 19.06 40.68 10.66
N ASP H 52 18.45 41.10 9.56
CA ASP H 52 17.14 41.72 9.60
C ASP H 52 16.02 40.85 9.02
N THR H 53 16.26 39.57 8.82
CA THR H 53 15.27 38.68 8.23
C THR H 53 14.87 37.61 9.23
N GLY H 54 13.56 37.48 9.44
CA GLY H 54 13.03 36.39 10.25
C GLY H 54 12.66 35.20 9.38
N ILE H 55 12.20 34.15 10.04
CA ILE H 55 11.87 32.90 9.36
C ILE H 55 10.55 32.37 9.89
N SER H 56 9.72 31.86 9.00
CA SER H 56 8.43 31.31 9.36
C SER H 56 8.59 30.00 10.12
N SER H 57 7.48 29.48 10.63
CA SER H 57 7.52 28.21 11.34
C SER H 57 7.60 27.03 10.39
N LYS H 58 6.89 27.11 9.26
CA LYS H 58 7.00 26.06 8.25
C LYS H 58 8.39 26.05 7.62
N ALA H 59 8.95 27.22 7.34
CA ALA H 59 10.31 27.26 6.85
C ALA H 59 11.29 26.75 7.88
N MET H 60 11.03 27.03 9.16
CA MET H 60 11.89 26.49 10.21
C MET H 60 11.83 24.97 10.24
N SER H 61 10.63 24.40 10.11
CA SER H 61 10.51 22.95 10.06
C SER H 61 11.17 22.36 8.83
N ILE H 62 11.09 23.04 7.70
CA ILE H 62 11.77 22.57 6.49
C ILE H 62 13.27 22.58 6.69
N MET H 63 13.81 23.64 7.28
CA MET H 63 15.24 23.69 7.53
C MET H 63 15.66 22.63 8.54
N ASN H 64 14.82 22.38 9.55
CA ASN H 64 15.13 21.33 10.52
C ASN H 64 15.17 19.97 9.84
N SER H 65 14.21 19.68 8.97
CA SER H 65 14.22 18.42 8.23
C SER H 65 15.43 18.33 7.31
N PHE H 66 15.82 19.45 6.71
CA PHE H 66 17.00 19.46 5.86
C PHE H 66 18.25 19.11 6.66
N VAL H 67 18.40 19.72 7.84
CA VAL H 67 19.57 19.44 8.67
C VAL H 67 19.59 17.97 9.08
N ASN H 68 18.43 17.45 9.49
CA ASN H 68 18.38 16.04 9.87
C ASN H 68 18.73 15.13 8.71
N ASP H 69 18.21 15.43 7.52
CA ASP H 69 18.46 14.58 6.36
C ASP H 69 19.92 14.59 5.96
N VAL H 70 20.55 15.76 5.97
CA VAL H 70 21.97 15.85 5.60
C VAL H 70 22.83 15.17 6.66
N PHE H 71 22.51 15.36 7.94
CA PHE H 71 23.22 14.67 9.00
C PHE H 71 23.14 13.17 8.81
N GLU H 72 21.96 12.66 8.50
CA GLU H 72 21.81 11.22 8.31
C GLU H 72 22.61 10.74 7.10
N ARG H 73 22.59 11.49 6.00
CA ARG H 73 23.35 11.08 4.83
C ARG H 73 24.83 10.97 5.15
N ILE H 74 25.39 12.02 5.76
CA ILE H 74 26.82 12.02 6.05
C ILE H 74 27.17 10.93 7.05
N ALA H 75 26.34 10.74 8.08
CA ALA H 75 26.63 9.72 9.08
C ALA H 75 26.52 8.31 8.51
N GLY H 76 25.51 8.06 7.67
CA GLY H 76 25.40 6.75 7.05
C GLY H 76 26.55 6.45 6.10
N GLU H 77 26.96 7.45 5.33
CA GLU H 77 28.10 7.25 4.45
C GLU H 77 29.38 7.03 5.24
N ALA H 78 29.55 7.74 6.36
CA ALA H 78 30.72 7.53 7.19
C ALA H 78 30.71 6.14 7.82
N SER H 79 29.55 5.67 8.24
CA SER H 79 29.46 4.32 8.76
C SER H 79 29.82 3.29 7.71
N ARG H 80 29.32 3.48 6.49
CA ARG H 80 29.66 2.56 5.41
C ARG H 80 31.15 2.59 5.09
N LEU H 81 31.76 3.78 5.10
CA LEU H 81 33.19 3.88 4.87
C LEU H 81 33.99 3.19 5.97
N ALA H 82 33.58 3.37 7.22
CA ALA H 82 34.30 2.75 8.32
C ALA H 82 34.07 1.26 8.39
N HIS H 83 33.03 0.75 7.74
CA HIS H 83 32.86 -0.70 7.66
C HIS H 83 33.57 -1.31 6.48
N TYR H 84 33.52 -0.69 5.31
CA TYR H 84 34.27 -1.19 4.15
C TYR H 84 35.74 -1.32 4.48
N ASN H 85 36.40 -0.18 4.68
CA ASN H 85 37.70 -0.21 5.33
C ASN H 85 37.52 -0.87 6.70
N LYS H 86 38.41 -1.79 7.04
CA LYS H 86 38.22 -2.59 8.24
C LYS H 86 38.56 -1.74 9.47
N ARG H 87 37.63 -0.85 9.81
CA ARG H 87 37.75 0.01 10.97
C ARG H 87 36.51 -0.14 11.82
N SER H 88 36.55 0.46 13.01
CA SER H 88 35.43 0.43 13.94
C SER H 88 35.00 1.80 14.43
N THR H 89 35.80 2.84 14.23
CA THR H 89 35.48 4.17 14.70
C THR H 89 35.17 5.09 13.52
N ILE H 90 34.49 6.19 13.82
CA ILE H 90 34.22 7.25 12.86
C ILE H 90 35.09 8.44 13.25
N THR H 91 36.02 8.79 12.39
CA THR H 91 36.97 9.85 12.69
C THR H 91 36.66 11.06 11.84
N SER H 92 37.50 12.08 11.94
CA SER H 92 37.30 13.28 11.15
C SER H 92 37.44 12.98 9.67
N ARG H 93 38.38 12.11 9.29
CA ARG H 93 38.60 11.85 7.88
C ARG H 93 37.48 10.99 7.29
N GLU H 94 36.85 10.14 8.10
CA GLU H 94 35.67 9.44 7.59
C GLU H 94 34.56 10.42 7.24
N ILE H 95 34.32 11.41 8.10
CA ILE H 95 33.32 12.42 7.80
C ILE H 95 33.75 13.26 6.60
N GLN H 96 35.04 13.53 6.48
CA GLN H 96 35.52 14.33 5.36
C GLN H 96 35.30 13.59 4.04
N THR H 97 35.59 12.30 4.01
CA THR H 97 35.37 11.53 2.80
C THR H 97 33.88 11.36 2.51
N ALA H 98 33.06 11.21 3.55
CA ALA H 98 31.62 11.15 3.34
C ALA H 98 31.09 12.44 2.73
N VAL H 99 31.58 13.58 3.21
CA VAL H 99 31.21 14.87 2.64
C VAL H 99 31.68 14.98 1.21
N ARG H 100 32.89 14.51 0.92
CA ARG H 100 33.41 14.53 -0.44
C ARG H 100 32.59 13.63 -1.37
N LEU H 101 32.01 12.57 -0.84
CA LEU H 101 31.23 11.66 -1.68
C LEU H 101 29.82 12.17 -1.91
N LEU H 102 29.20 12.76 -0.88
CA LEU H 102 27.79 13.13 -0.97
C LEU H 102 27.59 14.51 -1.57
N LEU H 103 28.37 15.48 -1.15
CA LEU H 103 28.15 16.87 -1.57
C LEU H 103 28.69 17.08 -2.97
N PRO H 104 27.93 17.72 -3.86
CA PRO H 104 28.36 17.85 -5.26
C PRO H 104 29.13 19.13 -5.53
N GLY H 105 30.15 19.01 -6.36
CA GLY H 105 30.82 20.18 -6.90
C GLY H 105 31.49 21.01 -5.83
N GLU H 106 31.24 22.32 -5.85
CA GLU H 106 31.91 23.26 -4.96
C GLU H 106 31.35 23.23 -3.55
N LEU H 107 30.13 22.73 -3.35
CA LEU H 107 29.66 22.50 -2.00
C LEU H 107 30.64 21.63 -1.23
N ALA H 108 31.14 20.58 -1.87
CA ALA H 108 32.08 19.69 -1.21
C ALA H 108 33.35 20.42 -0.83
N LYS H 109 33.91 21.21 -1.74
CA LYS H 109 35.16 21.89 -1.46
C LYS H 109 34.99 22.87 -0.30
N HIS H 110 33.92 23.65 -0.32
CA HIS H 110 33.75 24.64 0.74
C HIS H 110 33.40 24.00 2.07
N ALA H 111 32.58 22.93 2.05
CA ALA H 111 32.24 22.25 3.30
C ALA H 111 33.47 21.59 3.91
N VAL H 112 34.33 21.00 3.08
CA VAL H 112 35.56 20.43 3.59
C VAL H 112 36.45 21.50 4.18
N SER H 113 36.54 22.65 3.52
CA SER H 113 37.35 23.74 4.08
C SER H 113 36.82 24.17 5.44
N GLU H 114 35.50 24.35 5.55
CA GLU H 114 34.91 24.79 6.81
C GLU H 114 35.12 23.75 7.91
N GLY H 115 34.94 22.47 7.58
CA GLY H 115 35.12 21.44 8.59
C GLY H 115 36.55 21.33 9.07
N THR H 116 37.51 21.39 8.15
CA THR H 116 38.91 21.33 8.58
C THR H 116 39.27 22.55 9.42
N LYS H 117 38.78 23.73 9.04
CA LYS H 117 39.04 24.91 9.84
C LYS H 117 38.48 24.75 11.25
N ALA H 118 37.26 24.21 11.35
CA ALA H 118 36.66 24.02 12.67
C ALA H 118 37.45 23.02 13.50
N VAL H 119 37.91 21.92 12.89
CA VAL H 119 38.65 20.92 13.65
C VAL H 119 39.99 21.46 14.12
N THR H 120 40.69 22.20 13.25
CA THR H 120 41.97 22.77 13.67
C THR H 120 41.77 23.79 14.79
N LYS H 121 40.71 24.60 14.70
CA LYS H 121 40.44 25.55 15.77
C LYS H 121 40.07 24.84 17.07
N TYR H 122 39.35 23.73 16.96
CA TYR H 122 38.97 22.98 18.16
C TYR H 122 40.18 22.38 18.85
N THR H 123 41.01 21.66 18.09
CA THR H 123 42.15 20.98 18.71
C THR H 123 43.30 21.93 19.02
N SER H 124 43.29 23.14 18.48
CA SER H 124 44.36 24.08 18.80
C SER H 124 44.36 24.45 20.27
N ALA H 125 43.19 24.69 20.84
CA ALA H 125 43.09 25.07 22.25
C ALA H 125 41.89 24.40 22.91
N GLY K 3 -56.09 -1.78 -6.16
CA GLY K 3 -57.10 -0.76 -5.99
C GLY K 3 -57.47 -0.53 -4.54
N LEU K 4 -58.19 0.55 -4.28
CA LEU K 4 -58.64 0.89 -2.93
C LEU K 4 -59.86 0.02 -2.62
N LYS K 5 -59.62 -1.09 -1.93
CA LYS K 5 -60.69 -2.04 -1.63
C LYS K 5 -61.68 -1.43 -0.65
N ALA K 6 -62.96 -1.75 -0.86
CA ALA K 6 -64.00 -1.32 0.08
C ALA K 6 -63.92 -2.07 1.39
N ALA K 7 -63.46 -3.32 1.37
CA ALA K 7 -63.25 -4.06 2.60
C ALA K 7 -62.16 -3.43 3.45
N GLN K 8 -61.05 -3.05 2.81
CA GLN K 8 -59.96 -2.40 3.54
C GLN K 8 -60.41 -1.08 4.17
N LYS K 9 -61.28 -0.34 3.49
CA LYS K 9 -61.83 0.87 4.09
C LYS K 9 -62.84 0.54 5.19
N THR K 10 -63.56 -0.58 5.04
CA THR K 10 -64.55 -0.97 6.04
C THR K 10 -63.92 -1.59 7.27
N LEU K 11 -62.63 -1.95 7.20
CA LEU K 11 -61.94 -2.45 8.38
C LEU K 11 -61.93 -1.41 9.49
N PHE K 12 -61.84 -0.12 9.13
CA PHE K 12 -61.88 0.99 10.06
C PHE K 12 -60.86 0.79 11.18
N PRO K 13 -59.57 0.85 10.88
CA PRO K 13 -58.57 0.62 11.93
C PRO K 13 -58.66 1.68 13.01
N LEU K 14 -58.86 1.24 14.25
CA LEU K 14 -58.94 2.15 15.38
C LEU K 14 -57.55 2.38 15.96
N ARG K 15 -57.48 3.12 17.08
CA ARG K 15 -56.20 3.44 17.71
C ARG K 15 -55.92 2.45 18.83
N SER K 16 -55.54 1.24 18.42
CA SER K 16 -55.23 0.18 19.37
C SER K 16 -54.26 -0.81 18.72
N ILE K 17 -53.38 -1.38 19.55
CA ILE K 17 -52.42 -2.36 19.05
C ILE K 17 -53.14 -3.58 18.50
N ASP K 18 -54.17 -4.05 19.22
CA ASP K 18 -54.98 -5.15 18.71
C ASP K 18 -55.64 -4.77 17.39
N ASP K 19 -55.92 -3.49 17.18
CA ASP K 19 -56.42 -3.05 15.88
C ASP K 19 -55.39 -3.27 14.80
N VAL K 20 -54.12 -2.95 15.07
CA VAL K 20 -53.06 -3.21 14.11
C VAL K 20 -52.91 -4.69 13.84
N VAL K 21 -53.03 -5.51 14.91
CA VAL K 21 -52.91 -6.96 14.75
C VAL K 21 -54.04 -7.49 13.88
N ARG K 22 -55.26 -7.02 14.11
CA ARG K 22 -56.39 -7.48 13.30
C ARG K 22 -56.27 -7.00 11.86
N LEU K 23 -55.76 -5.78 11.64
CA LEU K 23 -55.53 -5.31 10.28
C LEU K 23 -54.51 -6.17 9.56
N PHE K 24 -53.42 -6.52 10.26
CA PHE K 24 -52.41 -7.40 9.66
C PHE K 24 -53.00 -8.77 9.35
N ALA K 25 -53.80 -9.31 10.27
CA ALA K 25 -54.42 -10.61 10.03
C ALA K 25 -55.35 -10.56 8.83
N ALA K 26 -56.15 -9.50 8.71
CA ALA K 26 -57.05 -9.37 7.57
C ALA K 26 -56.26 -9.25 6.27
N GLU K 27 -55.20 -8.44 6.28
CA GLU K 27 -54.38 -8.30 5.08
C GLU K 27 -53.63 -9.58 4.74
N LEU K 28 -53.43 -10.47 5.71
CA LEU K 28 -52.76 -11.75 5.49
C LEU K 28 -53.74 -12.87 5.18
N GLY K 29 -54.90 -12.56 4.64
CA GLY K 29 -55.84 -13.58 4.21
C GLY K 29 -55.96 -13.66 2.70
N ARG K 30 -55.26 -12.78 2.01
CA ARG K 30 -55.28 -12.68 0.56
C ARG K 30 -53.95 -13.11 -0.02
N GLU K 31 -53.97 -13.44 -1.31
CA GLU K 31 -52.77 -13.90 -2.00
C GLU K 31 -51.68 -12.82 -2.07
N GLU K 32 -52.07 -11.56 -1.99
CA GLU K 32 -51.11 -10.44 -2.03
C GLU K 32 -51.57 -9.35 -1.09
N PRO K 33 -51.01 -9.28 0.13
CA PRO K 33 -51.41 -8.23 1.06
C PRO K 33 -51.02 -6.85 0.55
N ASP K 34 -51.78 -5.85 0.97
CA ASP K 34 -51.51 -4.47 0.57
C ASP K 34 -50.30 -3.98 1.35
N LEU K 35 -49.13 -4.01 0.70
CA LEU K 35 -47.89 -3.66 1.38
C LEU K 35 -47.86 -2.18 1.77
N VAL K 36 -48.22 -1.30 0.82
CA VAL K 36 -48.10 0.13 1.06
C VAL K 36 -49.05 0.58 2.17
N LEU K 37 -50.25 0.00 2.21
CA LEU K 37 -51.22 0.33 3.25
C LEU K 37 -50.65 0.04 4.63
N LEU K 38 -50.30 -1.23 4.87
CA LEU K 38 -49.75 -1.60 6.17
C LEU K 38 -48.38 -0.97 6.39
N SER K 39 -47.59 -0.82 5.34
CA SER K 39 -46.29 -0.18 5.48
C SER K 39 -46.43 1.26 5.92
N LEU K 40 -47.36 1.99 5.33
CA LEU K 40 -47.56 3.39 5.70
C LEU K 40 -48.13 3.53 7.11
N VAL K 41 -49.01 2.61 7.51
CA VAL K 41 -49.57 2.68 8.85
C VAL K 41 -48.49 2.50 9.91
N LEU K 42 -47.64 1.47 9.71
CA LEU K 42 -46.56 1.23 10.67
C LEU K 42 -45.56 2.36 10.70
N GLY K 43 -45.22 2.90 9.53
CA GLY K 43 -44.29 4.03 9.49
C GLY K 43 -44.84 5.26 10.19
N PHE K 44 -46.13 5.55 9.97
CA PHE K 44 -46.73 6.73 10.60
C PHE K 44 -46.71 6.61 12.11
N VAL K 45 -47.06 5.43 12.64
CA VAL K 45 -47.08 5.24 14.09
C VAL K 45 -45.68 5.39 14.67
N GLU K 46 -44.68 4.81 14.00
CA GLU K 46 -43.31 4.90 14.49
C GLU K 46 -42.79 6.33 14.43
N HIS K 47 -42.94 6.97 13.26
CA HIS K 47 -42.40 8.32 13.08
C HIS K 47 -43.09 9.33 13.99
N PHE K 48 -44.42 9.22 14.13
CA PHE K 48 -45.12 10.11 15.04
C PHE K 48 -44.67 9.87 16.48
N LEU K 49 -44.63 8.60 16.90
CA LEU K 49 -44.18 8.29 18.26
C LEU K 49 -42.73 8.67 18.47
N ALA K 50 -41.87 8.41 17.49
CA ALA K 50 -40.46 8.73 17.61
C ALA K 50 -40.20 10.20 17.29
N THR K 77 -49.84 6.71 28.34
CA THR K 77 -50.02 6.12 27.01
C THR K 77 -50.81 7.06 26.10
N TYR K 78 -50.10 7.64 25.13
CA TYR K 78 -50.70 8.53 24.14
C TYR K 78 -50.53 7.85 22.77
N PHE K 79 -51.46 6.97 22.43
CA PHE K 79 -51.38 6.25 21.17
C PHE K 79 -51.57 7.23 20.01
N PRO K 80 -50.81 7.06 18.92
CA PRO K 80 -50.98 7.97 17.77
C PRO K 80 -52.39 7.91 17.23
N VAL K 81 -52.89 9.08 16.84
CA VAL K 81 -54.24 9.18 16.29
C VAL K 81 -54.22 8.64 14.87
N ALA K 82 -54.80 7.46 14.66
CA ALA K 82 -54.86 6.87 13.33
C ALA K 82 -55.88 7.63 12.49
N ASP K 83 -55.43 8.23 11.40
CA ASP K 83 -56.27 9.05 10.53
C ASP K 83 -56.30 8.40 9.15
N LEU K 84 -57.45 7.80 8.80
CA LEU K 84 -57.57 7.16 7.50
C LEU K 84 -57.51 8.17 6.35
N SER K 85 -57.89 9.42 6.60
CA SER K 85 -57.86 10.42 5.54
C SER K 85 -56.43 10.73 5.10
N ILE K 86 -55.52 10.91 6.05
CA ILE K 86 -54.14 11.25 5.70
C ILE K 86 -53.45 10.07 5.01
N ILE K 87 -53.69 8.86 5.52
CA ILE K 87 -53.11 7.67 4.90
C ILE K 87 -53.65 7.51 3.48
N ALA K 88 -54.96 7.73 3.30
CA ALA K 88 -55.56 7.63 1.97
C ALA K 88 -54.97 8.67 1.03
N ALA K 89 -54.77 9.90 1.52
CA ALA K 89 -54.19 10.94 0.68
C ALA K 89 -52.77 10.60 0.25
N LEU K 90 -51.96 10.10 1.20
CA LEU K 90 -50.60 9.70 0.86
C LEU K 90 -50.60 8.54 -0.14
N TYR K 91 -51.48 7.56 0.07
CA TYR K 91 -51.57 6.44 -0.85
C TYR K 91 -51.98 6.90 -2.25
N ALA K 92 -52.96 7.80 -2.32
CA ALA K 92 -53.40 8.31 -3.62
C ALA K 92 -52.28 9.07 -4.31
N ARG K 93 -51.56 9.91 -3.56
CA ARG K 93 -50.46 10.67 -4.17
C ARG K 93 -49.36 9.73 -4.67
N PHE K 94 -49.00 8.73 -3.87
CA PHE K 94 -47.98 7.78 -4.29
C PHE K 94 -48.43 7.01 -5.54
N THR K 95 -49.70 6.59 -5.55
CA THR K 95 -50.21 5.84 -6.69
C THR K 95 -50.23 6.70 -7.95
N ALA K 96 -50.60 7.98 -7.82
CA ALA K 96 -50.57 8.88 -8.96
C ALA K 96 -49.14 9.06 -9.47
N GLN K 97 -48.19 9.24 -8.56
CA GLN K 97 -46.80 9.40 -8.97
C GLN K 97 -46.30 8.16 -9.70
N ILE K 98 -46.59 6.98 -9.15
CA ILE K 98 -46.09 5.74 -9.73
C ILE K 98 -46.76 5.46 -11.08
N ARG K 99 -48.06 5.76 -11.19
CA ARG K 99 -48.77 5.51 -12.45
C ARG K 99 -48.33 6.49 -13.53
N GLY K 100 -48.17 7.76 -13.18
CA GLY K 100 -47.72 8.73 -14.17
C GLY K 100 -46.30 8.46 -14.62
N ALA K 101 -45.40 8.18 -13.68
CA ALA K 101 -44.00 7.95 -14.03
C ALA K 101 -43.84 6.65 -14.81
N VAL K 102 -44.43 5.57 -14.32
CA VAL K 102 -44.30 4.25 -14.93
C VAL K 102 -45.66 3.85 -15.49
N ASP K 103 -45.72 3.64 -16.80
CA ASP K 103 -46.92 3.18 -17.49
C ASP K 103 -46.58 1.90 -18.24
N LEU K 104 -47.49 0.93 -18.20
CA LEU K 104 -47.24 -0.36 -18.81
C LEU K 104 -47.12 -0.26 -20.32
N SER K 105 -47.90 0.64 -20.94
CA SER K 105 -47.90 0.76 -22.40
C SER K 105 -46.57 1.26 -22.95
N LEU K 106 -45.71 1.80 -22.10
CA LEU K 106 -44.40 2.29 -22.55
C LEU K 106 -43.40 1.18 -22.82
N TYR K 107 -43.65 -0.04 -22.35
CA TYR K 107 -42.73 -1.15 -22.52
C TYR K 107 -43.51 -2.40 -22.91
N PRO K 108 -42.87 -3.34 -23.58
CA PRO K 108 -43.56 -4.60 -23.92
C PRO K 108 -43.79 -5.46 -22.70
N ARG K 109 -44.83 -6.29 -22.78
CA ARG K 109 -45.16 -7.25 -21.73
C ARG K 109 -45.10 -8.65 -22.32
N GLU K 110 -44.38 -9.54 -21.64
CA GLU K 110 -44.18 -10.91 -22.13
C GLU K 110 -45.17 -11.89 -21.51
N GLY K 111 -46.46 -11.55 -21.54
CA GLY K 111 -47.50 -12.47 -21.11
C GLY K 111 -47.39 -12.95 -19.69
N GLY K 112 -47.17 -12.04 -18.74
CA GLY K 112 -47.04 -12.40 -17.35
C GLY K 112 -45.62 -12.36 -16.80
N VAL K 113 -44.65 -11.92 -17.60
CA VAL K 113 -43.27 -11.73 -17.15
C VAL K 113 -42.93 -10.25 -17.30
N SER K 114 -42.43 -9.65 -16.23
CA SER K 114 -41.98 -8.27 -16.28
C SER K 114 -40.59 -8.20 -16.89
N SER K 115 -40.32 -7.12 -17.60
CA SER K 115 -39.05 -6.93 -18.29
C SER K 115 -38.07 -6.17 -17.40
N ARG K 116 -36.80 -6.23 -17.79
CA ARG K 116 -35.76 -5.55 -17.01
C ARG K 116 -35.98 -4.05 -17.01
N GLU K 117 -36.35 -3.49 -18.17
CA GLU K 117 -36.53 -2.05 -18.29
C GLU K 117 -37.64 -1.54 -17.38
N LEU K 118 -38.70 -2.33 -17.18
CA LEU K 118 -39.79 -1.92 -16.31
C LEU K 118 -39.30 -1.70 -14.88
N VAL K 119 -38.62 -2.70 -14.32
CA VAL K 119 -38.10 -2.58 -12.95
C VAL K 119 -37.04 -1.49 -12.88
N LYS K 120 -36.22 -1.36 -13.93
CA LYS K 120 -35.22 -0.30 -13.94
C LYS K 120 -35.86 1.08 -13.87
N LYS K 121 -36.95 1.28 -14.63
CA LYS K 121 -37.65 2.56 -14.60
C LYS K 121 -38.31 2.78 -13.25
N VAL K 122 -38.87 1.72 -12.65
CA VAL K 122 -39.49 1.87 -11.33
C VAL K 122 -38.45 2.31 -10.31
N SER K 123 -37.28 1.66 -10.32
CA SER K 123 -36.21 2.02 -9.40
C SER K 123 -35.69 3.43 -9.67
N ASP K 124 -35.57 3.79 -10.95
CA ASP K 124 -35.12 5.13 -11.30
C ASP K 124 -36.07 6.19 -10.77
N VAL K 125 -37.38 5.95 -10.92
CA VAL K 125 -38.36 6.91 -10.40
C VAL K 125 -38.30 6.97 -8.88
N ILE K 126 -38.17 5.81 -8.23
CA ILE K 126 -38.14 5.80 -6.77
C ILE K 126 -36.90 6.49 -6.23
N TRP K 127 -35.78 6.39 -6.94
CA TRP K 127 -34.57 7.11 -6.54
C TRP K 127 -34.69 8.60 -6.83
N ASN K 128 -35.31 8.96 -7.96
CA ASN K 128 -35.53 10.35 -8.28
C ASN K 128 -36.49 11.03 -7.33
N SER K 129 -37.35 10.27 -6.66
CA SER K 129 -38.19 10.87 -5.63
C SER K 129 -37.39 11.40 -4.46
N LEU K 130 -36.16 10.92 -4.27
CA LEU K 130 -35.33 11.34 -3.14
C LEU K 130 -34.61 12.65 -3.46
N SER K 131 -33.90 13.17 -2.47
CA SER K 131 -33.16 14.41 -2.57
C SER K 131 -31.66 14.15 -2.48
N ARG K 132 -30.88 15.22 -2.63
CA ARG K 132 -29.42 15.10 -2.57
C ARG K 132 -28.95 14.79 -1.15
N SER K 133 -29.52 15.45 -0.16
CA SER K 133 -29.09 15.24 1.23
C SER K 133 -29.49 13.84 1.67
N TYR K 134 -28.50 12.99 1.92
CA TYR K 134 -28.77 11.61 2.26
C TYR K 134 -29.23 11.50 3.72
N PHE K 135 -29.68 10.30 4.09
CA PHE K 135 -30.15 10.07 5.45
C PHE K 135 -29.01 9.96 6.45
N LYS K 136 -27.80 9.63 5.99
CA LYS K 136 -26.65 9.43 6.87
C LYS K 136 -26.88 8.30 7.87
N ASP K 137 -27.62 7.27 7.43
CA ASP K 137 -27.96 6.12 8.26
C ASP K 137 -28.80 6.49 9.48
N ARG K 138 -29.57 7.57 9.40
CA ARG K 138 -30.40 7.99 10.53
C ARG K 138 -31.50 6.97 10.78
N ALA K 139 -31.89 6.87 12.04
CA ALA K 139 -32.90 5.89 12.44
C ALA K 139 -34.30 6.41 12.14
N HIS K 140 -35.26 5.48 12.21
CA HIS K 140 -36.68 5.80 11.97
C HIS K 140 -36.96 6.22 10.53
N ILE K 141 -36.18 5.72 9.58
CA ILE K 141 -36.39 6.04 8.17
C ILE K 141 -36.49 4.75 7.37
N GLN K 142 -36.90 3.66 8.02
CA GLN K 142 -36.95 2.35 7.39
C GLN K 142 -38.32 2.00 6.83
N SER K 143 -39.27 2.92 6.87
CA SER K 143 -40.65 2.64 6.48
C SER K 143 -41.09 3.61 5.38
N LEU K 144 -42.14 3.20 4.66
CA LEU K 144 -42.67 3.99 3.56
C LEU K 144 -43.38 5.25 4.03
N PHE K 145 -43.78 5.32 5.31
CA PHE K 145 -44.48 6.50 5.79
C PHE K 145 -43.60 7.75 5.73
N SER K 146 -42.33 7.62 6.10
CA SER K 146 -41.40 8.73 5.97
C SER K 146 -41.04 8.99 4.50
N PHE K 147 -40.86 7.91 3.73
CA PHE K 147 -40.44 8.06 2.33
C PHE K 147 -41.47 8.80 1.51
N ILE K 148 -42.75 8.48 1.71
CA ILE K 148 -43.80 9.19 0.97
C ILE K 148 -43.91 10.62 1.44
N THR K 149 -43.70 10.89 2.73
CA THR K 149 -43.82 12.21 3.29
C THR K 149 -42.49 12.95 3.39
N GLY K 150 -41.42 12.39 2.83
CA GLY K 150 -40.13 13.04 2.86
C GLY K 150 -39.24 12.68 1.70
N THR K 151 -37.95 12.97 1.82
CA THR K 151 -36.97 12.67 0.79
C THR K 151 -35.79 11.90 1.34
N LYS K 152 -36.03 11.11 2.39
CA LYS K 152 -35.00 10.29 3.02
C LYS K 152 -35.48 8.84 3.07
N LEU K 153 -34.57 7.91 2.77
CA LEU K 153 -34.89 6.49 2.84
C LEU K 153 -33.60 5.69 2.78
N ASP K 154 -33.49 4.68 3.63
CA ASP K 154 -32.29 3.85 3.69
C ASP K 154 -32.36 2.75 2.63
N SER K 155 -31.28 1.97 2.51
CA SER K 155 -31.13 1.04 1.39
C SER K 155 -32.24 0.01 1.38
N SER K 156 -32.44 -0.68 2.50
CA SER K 156 -33.52 -1.65 2.60
C SER K 156 -34.87 -0.97 2.40
N GLY K 157 -35.02 0.24 2.95
CA GLY K 157 -36.24 1.00 2.72
C GLY K 157 -36.45 1.33 1.26
N VAL K 158 -35.37 1.65 0.54
CA VAL K 158 -35.49 1.94 -0.88
C VAL K 158 -35.92 0.69 -1.64
N ALA K 159 -35.30 -0.45 -1.36
CA ALA K 159 -35.68 -1.68 -2.05
C ALA K 159 -37.13 -2.04 -1.77
N PHE K 160 -37.56 -1.90 -0.52
CA PHE K 160 -38.94 -2.23 -0.18
C PHE K 160 -39.91 -1.26 -0.81
N ALA K 161 -39.54 0.02 -0.92
CA ALA K 161 -40.38 0.97 -1.65
C ALA K 161 -40.52 0.57 -3.11
N VAL K 162 -39.41 0.12 -3.71
CA VAL K 162 -39.47 -0.37 -5.09
C VAL K 162 -40.46 -1.52 -5.20
N VAL K 163 -40.37 -2.48 -4.27
CA VAL K 163 -41.26 -3.64 -4.32
C VAL K 163 -42.71 -3.22 -4.12
N GLY K 164 -42.97 -2.33 -3.17
CA GLY K 164 -44.34 -1.89 -2.93
C GLY K 164 -44.93 -1.15 -4.12
N ALA K 165 -44.14 -0.28 -4.74
CA ALA K 165 -44.60 0.42 -5.93
C ALA K 165 -44.88 -0.55 -7.07
N CYS K 166 -44.00 -1.53 -7.26
CA CYS K 166 -44.22 -2.52 -8.32
C CYS K 166 -45.49 -3.32 -8.06
N GLN K 167 -45.72 -3.69 -6.80
CA GLN K 167 -46.95 -4.42 -6.47
C GLN K 167 -48.18 -3.58 -6.74
N ALA K 168 -48.14 -2.29 -6.37
CA ALA K 168 -49.26 -1.41 -6.67
C ALA K 168 -49.44 -1.25 -8.17
N LEU K 169 -48.35 -1.35 -8.94
CA LEU K 169 -48.41 -1.29 -10.39
C LEU K 169 -49.06 -2.52 -11.00
N GLY K 170 -49.31 -3.55 -10.22
CA GLY K 170 -49.86 -4.78 -10.73
C GLY K 170 -48.82 -5.76 -11.26
N LEU K 171 -47.54 -5.45 -11.13
CA LEU K 171 -46.47 -6.38 -11.50
C LEU K 171 -46.12 -7.19 -10.27
N ARG K 172 -46.77 -8.35 -10.14
CA ARG K 172 -46.62 -9.18 -8.95
C ARG K 172 -45.52 -10.22 -9.08
N ASP K 173 -44.98 -10.40 -10.29
CA ASP K 173 -43.98 -11.42 -10.53
C ASP K 173 -42.63 -11.07 -9.92
N VAL K 174 -42.43 -9.84 -9.48
CA VAL K 174 -41.17 -9.42 -8.90
C VAL K 174 -41.22 -9.59 -7.38
N HIS K 175 -40.06 -9.85 -6.78
CA HIS K 175 -39.99 -10.15 -5.37
C HIS K 175 -38.72 -9.52 -4.77
N LEU K 176 -38.79 -9.20 -3.48
CA LEU K 176 -37.65 -8.67 -2.77
C LEU K 176 -36.70 -9.80 -2.38
N ALA K 177 -35.40 -9.52 -2.43
CA ALA K 177 -34.37 -10.49 -2.06
C ALA K 177 -33.60 -9.94 -0.86
N LEU K 178 -33.43 -10.77 0.15
CA LEU K 178 -32.73 -10.38 1.38
C LEU K 178 -31.49 -11.24 1.53
N SER K 179 -30.33 -10.59 1.48
CA SER K 179 -29.12 -11.19 2.01
C SER K 179 -29.11 -10.98 3.52
N GLU K 180 -27.98 -11.25 4.17
CA GLU K 180 -27.92 -11.02 5.60
C GLU K 180 -27.96 -9.53 5.92
N ASP K 181 -27.31 -8.71 5.10
CA ASP K 181 -27.38 -7.27 5.24
C ASP K 181 -27.89 -6.57 3.99
N HIS K 182 -27.34 -6.88 2.83
CA HIS K 182 -27.64 -6.15 1.61
C HIS K 182 -28.97 -6.62 1.04
N ALA K 183 -29.86 -5.69 0.74
CA ALA K 183 -31.19 -6.02 0.23
C ALA K 183 -31.34 -5.52 -1.19
N TRP K 184 -32.01 -6.31 -2.02
CA TRP K 184 -32.27 -5.93 -3.40
C TRP K 184 -33.54 -6.63 -3.87
N VAL K 185 -33.88 -6.42 -5.14
CA VAL K 185 -35.14 -6.90 -5.71
C VAL K 185 -34.84 -7.87 -6.84
N VAL K 186 -35.42 -9.06 -6.76
CA VAL K 186 -35.31 -10.04 -7.82
C VAL K 186 -36.63 -10.08 -8.59
N PHE K 187 -36.57 -10.64 -9.79
CA PHE K 187 -37.73 -10.63 -10.68
C PHE K 187 -37.54 -11.70 -11.74
N GLY K 188 -38.50 -11.78 -12.66
CA GLY K 188 -38.56 -12.83 -13.63
C GLY K 188 -39.59 -13.87 -13.23
N PRO K 189 -39.82 -14.86 -14.09
CA PRO K 189 -40.80 -15.91 -13.74
C PRO K 189 -40.42 -16.67 -12.47
N ASN K 190 -39.19 -17.16 -12.37
CA ASN K 190 -38.75 -17.93 -11.22
C ASN K 190 -37.63 -17.24 -10.45
N GLY K 191 -37.49 -15.93 -10.62
CA GLY K 191 -36.40 -15.22 -9.98
C GLY K 191 -35.04 -15.55 -10.54
N GLU K 192 -34.98 -16.05 -11.77
CA GLU K 192 -33.70 -16.36 -12.39
C GLU K 192 -32.90 -15.10 -12.67
N GLN K 193 -33.57 -13.99 -12.96
CA GLN K 193 -32.92 -12.72 -13.24
C GLN K 193 -32.88 -11.87 -11.97
N THR K 194 -31.71 -11.31 -11.68
CA THR K 194 -31.49 -10.53 -10.48
C THR K 194 -30.96 -9.16 -10.84
N ALA K 195 -31.24 -8.18 -9.98
CA ALA K 195 -30.76 -6.82 -10.18
C ALA K 195 -30.72 -6.13 -8.83
N GLU K 196 -29.52 -5.73 -8.40
CA GLU K 196 -29.36 -5.02 -7.13
C GLU K 196 -29.77 -3.57 -7.33
N VAL K 197 -31.07 -3.31 -7.17
CA VAL K 197 -31.62 -1.98 -7.43
C VAL K 197 -31.17 -0.94 -6.41
N THR K 198 -30.47 -1.36 -5.36
CA THR K 198 -30.07 -0.44 -4.30
C THR K 198 -28.59 -0.59 -4.02
N TRP K 199 -27.97 0.51 -3.60
CA TRP K 199 -26.55 0.56 -3.35
C TRP K 199 -26.17 -0.29 -2.14
N HIS K 200 -24.88 -0.29 -1.81
CA HIS K 200 -24.36 -0.93 -0.62
C HIS K 200 -23.98 0.13 0.39
N GLY K 201 -24.43 -0.05 1.63
CA GLY K 201 -24.15 0.90 2.69
C GLY K 201 -22.76 0.77 3.26
N ARG K 207 -26.08 3.34 -9.51
CA ARG K 207 -26.01 1.88 -9.49
C ARG K 207 -27.39 1.29 -9.31
N ARG K 208 -28.07 0.98 -10.42
CA ARG K 208 -29.42 0.42 -10.39
C ARG K 208 -29.48 -1.04 -10.79
N GLY K 209 -28.94 -1.39 -11.96
CA GLY K 209 -29.06 -2.76 -12.42
C GLY K 209 -27.76 -3.45 -12.73
N GLN K 210 -27.43 -4.45 -11.92
CA GLN K 210 -26.32 -5.35 -12.18
C GLN K 210 -26.69 -6.74 -11.66
N THR K 211 -26.08 -7.75 -12.24
CA THR K 211 -26.36 -9.11 -11.82
C THR K 211 -25.72 -9.39 -10.46
N VAL K 212 -26.19 -10.44 -9.81
CA VAL K 212 -25.64 -10.89 -8.54
C VAL K 212 -24.62 -12.00 -8.71
N ASN K 213 -24.50 -12.56 -9.91
CA ASN K 213 -23.64 -13.72 -10.11
C ASN K 213 -22.17 -13.37 -9.86
N ALA K 214 -21.75 -12.16 -10.26
CA ALA K 214 -20.38 -11.74 -9.97
C ALA K 214 -20.13 -11.68 -8.47
N GLY K 215 -21.08 -11.12 -7.71
CA GLY K 215 -20.91 -11.05 -6.27
C GLY K 215 -20.86 -12.42 -5.62
N VAL K 216 -21.70 -13.34 -6.08
CA VAL K 216 -21.65 -14.71 -5.56
C VAL K 216 -20.33 -15.36 -5.90
N ALA K 217 -19.80 -15.07 -7.09
CA ALA K 217 -18.52 -15.63 -7.51
C ALA K 217 -17.38 -15.22 -6.61
N GLU K 218 -17.50 -14.08 -5.92
CA GLU K 218 -16.43 -13.62 -5.05
C GLU K 218 -16.51 -14.20 -3.64
N ARG K 219 -17.54 -14.99 -3.33
CA ARG K 219 -17.70 -15.60 -2.01
C ARG K 219 -17.66 -14.55 -0.91
N SER K 220 -18.50 -13.54 -1.04
CA SER K 220 -18.58 -12.47 -0.07
C SER K 220 -19.84 -12.60 0.75
N TRP K 221 -19.76 -12.19 2.01
CA TRP K 221 -20.88 -12.35 2.92
C TRP K 221 -22.07 -11.47 2.55
N LEU K 222 -21.84 -10.41 1.77
CA LEU K 222 -22.94 -9.56 1.35
C LEU K 222 -23.96 -10.28 0.48
N TYR K 223 -23.59 -11.43 -0.09
CA TYR K 223 -24.47 -12.16 -0.98
C TYR K 223 -24.73 -13.59 -0.55
N LEU K 224 -24.06 -14.07 0.49
CA LEU K 224 -24.31 -15.39 1.06
C LEU K 224 -24.12 -16.51 0.05
N LYS K 225 -23.32 -16.27 -0.98
CA LYS K 225 -23.05 -17.26 -2.01
C LYS K 225 -24.34 -17.80 -2.63
N GLY K 226 -25.25 -16.87 -2.93
CA GLY K 226 -26.49 -17.20 -3.59
C GLY K 226 -27.55 -17.80 -2.68
N SER K 227 -27.27 -17.96 -1.40
CA SER K 227 -28.20 -18.55 -0.45
C SER K 227 -29.15 -17.53 0.15
N TYR K 228 -29.19 -16.32 -0.40
CA TYR K 228 -30.12 -15.31 0.11
C TYR K 228 -31.56 -15.77 -0.09
N MET K 229 -32.40 -15.43 0.87
CA MET K 229 -33.80 -15.84 0.81
C MET K 229 -34.55 -15.13 -0.30
N ARG K 230 -35.52 -15.83 -0.88
CA ARG K 230 -36.44 -15.26 -1.86
C ARG K 230 -37.74 -14.95 -1.15
N CYS K 231 -38.10 -13.68 -1.07
CA CYS K 231 -39.18 -13.22 -0.21
C CYS K 231 -40.47 -13.04 -1.01
N ASP K 232 -41.58 -13.56 -0.48
CA ASP K 232 -42.90 -13.30 -1.02
C ASP K 232 -43.60 -12.26 -0.15
N ARG K 233 -44.86 -11.96 -0.49
CA ARG K 233 -45.57 -10.90 0.21
C ARG K 233 -45.74 -11.21 1.69
N LYS K 234 -45.88 -12.49 2.03
CA LYS K 234 -45.81 -12.89 3.43
C LYS K 234 -44.46 -12.50 4.04
N MET K 235 -43.38 -12.80 3.32
CA MET K 235 -42.07 -12.40 3.78
C MET K 235 -41.92 -10.88 3.78
N GLU K 236 -42.69 -10.19 2.93
CA GLU K 236 -42.67 -8.73 2.96
C GLU K 236 -43.29 -8.20 4.25
N VAL K 237 -44.39 -8.82 4.69
CA VAL K 237 -44.95 -8.45 5.99
C VAL K 237 -43.95 -8.75 7.08
N ALA K 238 -43.23 -9.88 6.96
CA ALA K 238 -42.20 -10.21 7.93
C ALA K 238 -41.11 -9.15 7.96
N PHE K 239 -40.70 -8.66 6.80
CA PHE K 239 -39.66 -7.63 6.72
C PHE K 239 -40.15 -6.33 7.34
N MET K 240 -41.39 -5.95 7.04
CA MET K 240 -41.93 -4.72 7.61
C MET K 240 -42.01 -4.80 9.13
N VAL K 241 -42.35 -5.97 9.68
CA VAL K 241 -42.44 -6.05 11.14
C VAL K 241 -41.04 -6.17 11.76
N CYS K 242 -40.07 -6.75 11.04
CA CYS K 242 -38.72 -6.84 11.58
C CYS K 242 -38.00 -5.50 11.53
N ALA K 243 -38.30 -4.66 10.54
CA ALA K 243 -37.58 -3.42 10.34
C ALA K 243 -37.92 -2.35 11.37
N ILE K 244 -38.92 -2.59 12.23
CA ILE K 244 -39.29 -1.61 13.23
C ILE K 244 -38.12 -1.39 14.19
N ASN K 245 -37.74 -0.12 14.38
CA ASN K 245 -36.64 0.21 15.28
C ASN K 245 -37.19 0.95 16.50
N PRO K 246 -37.37 0.27 17.63
CA PRO K 246 -37.95 0.93 18.81
C PRO K 246 -37.00 1.85 19.54
N SER K 247 -35.75 1.99 19.09
CA SER K 247 -34.80 2.86 19.76
C SER K 247 -35.17 4.32 19.53
N ILE K 248 -35.67 4.98 20.58
CA ILE K 248 -35.98 6.40 20.48
C ILE K 248 -34.71 7.21 20.23
N ASP K 249 -33.63 6.87 20.93
CA ASP K 249 -32.35 7.54 20.76
C ASP K 249 -31.26 6.57 21.22
N LEU K 250 -30.05 7.09 21.42
CA LEU K 250 -28.94 6.26 21.88
C LEU K 250 -29.21 5.63 23.24
N HIS K 251 -30.08 6.22 24.06
CA HIS K 251 -30.26 5.78 25.42
C HIS K 251 -31.64 5.25 25.74
N THR K 252 -32.71 5.81 25.17
CA THR K 252 -34.06 5.49 25.58
C THR K 252 -34.79 4.71 24.49
N ASP K 253 -35.68 3.81 24.92
CA ASP K 253 -36.47 2.98 24.04
C ASP K 253 -37.94 3.16 24.39
N SER K 254 -38.81 2.73 23.47
CA SER K 254 -40.26 2.81 23.65
C SER K 254 -40.81 1.41 23.90
N LEU K 255 -41.43 1.23 25.06
CA LEU K 255 -41.99 -0.07 25.40
C LEU K 255 -43.18 -0.43 24.52
N GLU K 256 -43.96 0.57 24.11
CA GLU K 256 -45.14 0.27 23.29
C GLU K 256 -44.73 -0.32 21.95
N LEU K 257 -43.63 0.16 21.37
CA LEU K 257 -43.15 -0.42 20.11
C LEU K 257 -42.70 -1.86 20.31
N LEU K 258 -42.05 -2.15 21.43
CA LEU K 258 -41.64 -3.51 21.73
C LEU K 258 -42.85 -4.43 21.85
N GLN K 259 -43.89 -3.98 22.56
CA GLN K 259 -45.09 -4.80 22.71
C GLN K 259 -45.78 -5.01 21.37
N LEU K 260 -45.82 -3.97 20.54
CA LEU K 260 -46.38 -4.09 19.19
C LEU K 260 -45.62 -5.12 18.37
N GLN K 261 -44.30 -5.01 18.36
CA GLN K 261 -43.49 -5.95 17.60
C GLN K 261 -43.67 -7.37 18.11
N GLN K 262 -43.76 -7.53 19.44
CA GLN K 262 -43.99 -8.85 20.00
C GLN K 262 -45.29 -9.44 19.48
N LYS K 263 -46.39 -8.68 19.59
CA LYS K 263 -47.68 -9.18 19.16
C LYS K 263 -47.68 -9.52 17.67
N LEU K 264 -47.17 -8.61 16.84
CA LEU K 264 -47.18 -8.83 15.40
C LEU K 264 -46.32 -10.03 15.01
N LEU K 265 -45.11 -10.11 15.57
CA LEU K 265 -44.23 -11.23 15.26
C LEU K 265 -44.82 -12.54 15.70
N TRP K 266 -45.42 -12.58 16.90
CA TRP K 266 -46.01 -13.83 17.38
C TRP K 266 -47.18 -14.23 16.50
N LEU K 267 -47.99 -13.27 16.06
CA LEU K 267 -49.08 -13.60 15.15
C LEU K 267 -48.55 -14.14 13.83
N LEU K 268 -47.54 -13.49 13.27
CA LEU K 268 -47.00 -13.94 11.98
C LEU K 268 -46.32 -15.30 12.10
N TYR K 269 -45.77 -15.60 13.29
CA TYR K 269 -45.21 -16.92 13.53
C TYR K 269 -46.31 -17.97 13.69
N ASP K 270 -47.42 -17.59 14.32
CA ASP K 270 -48.57 -18.48 14.36
C ASP K 270 -49.08 -18.77 12.96
N LEU K 271 -48.91 -17.83 12.04
CA LEU K 271 -49.18 -18.13 10.64
C LEU K 271 -48.16 -19.10 10.06
N GLY K 272 -46.95 -19.15 10.60
CA GLY K 272 -45.88 -19.96 10.06
C GLY K 272 -45.00 -19.25 9.06
N HIS K 273 -45.34 -18.02 8.66
CA HIS K 273 -44.58 -17.33 7.63
C HIS K 273 -43.17 -17.01 8.10
N LEU K 274 -43.01 -16.63 9.38
CA LEU K 274 -41.69 -16.28 9.89
C LEU K 274 -40.70 -17.44 9.84
N GLU K 275 -41.19 -18.67 9.66
CA GLU K 275 -40.34 -19.85 9.81
C GLU K 275 -39.11 -19.79 8.91
N ARG K 276 -39.24 -19.25 7.70
CA ARG K 276 -38.14 -19.23 6.76
C ARG K 276 -37.21 -18.03 6.93
N TYR K 277 -37.50 -17.13 7.89
CA TYR K 277 -36.79 -15.87 8.06
C TYR K 277 -36.02 -15.89 9.37
N PRO K 278 -34.78 -16.39 9.40
CA PRO K 278 -34.09 -16.59 10.69
C PRO K 278 -33.92 -15.34 11.51
N MET K 279 -33.72 -14.19 10.88
CA MET K 279 -33.62 -12.94 11.63
C MET K 279 -34.91 -12.64 12.37
N ALA K 280 -36.05 -13.04 11.79
CA ALA K 280 -37.33 -12.83 12.47
C ALA K 280 -37.41 -13.64 13.75
N LEU K 281 -37.01 -14.91 13.69
CA LEU K 281 -37.02 -15.73 14.90
C LEU K 281 -36.06 -15.17 15.94
N GLY K 282 -34.86 -14.75 15.50
CA GLY K 282 -33.91 -14.20 16.44
C GLY K 282 -34.43 -12.94 17.13
N ASN K 283 -35.04 -12.05 16.37
CA ASN K 283 -35.60 -10.84 16.96
C ASN K 283 -36.76 -11.17 17.89
N LEU K 284 -37.59 -12.14 17.52
CA LEU K 284 -38.69 -12.52 18.39
C LEU K 284 -38.18 -13.09 19.71
N ALA K 285 -37.13 -13.92 19.65
CA ALA K 285 -36.54 -14.45 20.87
C ALA K 285 -35.92 -13.34 21.71
N ASP K 286 -35.27 -12.37 21.07
CA ASP K 286 -34.71 -11.25 21.80
C ASP K 286 -35.80 -10.47 22.52
N LEU K 287 -36.94 -10.26 21.84
CA LEU K 287 -38.06 -9.59 22.49
C LEU K 287 -38.62 -10.42 23.64
N GLU K 288 -38.71 -11.73 23.46
CA GLU K 288 -39.25 -12.58 24.51
C GLU K 288 -38.37 -12.54 25.76
N GLU K 289 -37.04 -12.60 25.58
CA GLU K 289 -36.17 -12.51 26.74
C GLU K 289 -36.17 -11.12 27.34
N LEU K 290 -36.36 -10.08 26.52
CA LEU K 290 -36.44 -8.73 27.06
C LEU K 290 -37.67 -8.58 27.94
N GLU K 291 -38.78 -9.20 27.57
CA GLU K 291 -39.95 -9.24 28.43
C GLU K 291 -40.68 -10.57 28.25
N PRO K 292 -40.69 -11.43 29.27
CA PRO K 292 -41.29 -12.75 29.13
C PRO K 292 -42.79 -12.66 28.87
N THR K 293 -43.30 -13.64 28.12
CA THR K 293 -44.72 -13.76 27.85
C THR K 293 -45.12 -15.22 28.06
N PRO K 294 -46.09 -15.50 28.92
CA PRO K 294 -46.46 -16.90 29.19
C PRO K 294 -47.20 -17.53 28.02
N GLY K 295 -47.16 -18.86 28.00
CA GLY K 295 -47.83 -19.63 26.96
C GLY K 295 -47.09 -19.73 25.65
N ARG K 296 -45.86 -19.22 25.59
CA ARG K 296 -45.06 -19.21 24.38
C ARG K 296 -43.68 -19.78 24.69
N PRO K 297 -43.01 -20.37 23.70
CA PRO K 297 -41.73 -21.03 23.97
C PRO K 297 -40.67 -20.05 24.46
N ASP K 298 -39.75 -20.58 25.26
CA ASP K 298 -38.68 -19.78 25.84
C ASP K 298 -37.72 -19.29 24.75
N PRO K 299 -36.98 -18.22 25.02
CA PRO K 299 -36.11 -17.65 23.98
C PRO K 299 -35.12 -18.65 23.40
N LEU K 300 -34.57 -19.54 24.22
CA LEU K 300 -33.58 -20.49 23.72
C LEU K 300 -34.19 -21.40 22.67
N THR K 301 -35.45 -21.81 22.86
CA THR K 301 -36.11 -22.64 21.86
C THR K 301 -36.24 -21.90 20.53
N LEU K 302 -36.62 -20.62 20.57
CA LEU K 302 -36.74 -19.86 19.33
C LEU K 302 -35.39 -19.63 18.67
N TYR K 303 -34.35 -19.41 19.47
CA TYR K 303 -33.01 -19.29 18.91
C TYR K 303 -32.60 -20.57 18.21
N HIS K 304 -32.85 -21.72 18.83
CA HIS K 304 -32.51 -22.98 18.20
C HIS K 304 -33.35 -23.22 16.95
N LYS K 305 -34.61 -22.83 16.97
CA LYS K 305 -35.44 -22.95 15.78
C LYS K 305 -34.87 -22.10 14.65
N GLY K 306 -34.40 -20.90 14.97
CA GLY K 306 -33.77 -20.06 13.96
C GLY K 306 -32.51 -20.69 13.39
N ILE K 307 -31.64 -21.20 14.26
CA ILE K 307 -30.43 -21.81 13.74
C ILE K 307 -30.75 -23.06 12.93
N ALA K 308 -31.82 -23.78 13.28
CA ALA K 308 -32.19 -24.95 12.49
C ALA K 308 -32.74 -24.56 11.12
N SER K 309 -33.53 -23.49 11.07
CA SER K 309 -33.99 -22.98 9.78
C SER K 309 -32.82 -22.54 8.93
N ALA K 310 -31.79 -21.97 9.55
CA ALA K 310 -30.56 -21.69 8.83
C ALA K 310 -29.87 -22.98 8.39
N LYS K 311 -29.93 -24.02 9.22
CA LYS K 311 -29.23 -25.27 8.94
C LYS K 311 -29.84 -26.02 7.76
N THR K 312 -31.15 -25.92 7.57
CA THR K 312 -31.83 -26.66 6.53
C THR K 312 -31.98 -25.86 5.23
N TYR K 313 -32.63 -24.69 5.31
CA TYR K 313 -33.09 -24.03 4.09
C TYR K 313 -31.99 -23.28 3.36
N TYR K 314 -30.95 -22.83 4.07
CA TYR K 314 -29.93 -22.00 3.46
C TYR K 314 -28.55 -22.65 3.45
N ARG K 315 -28.50 -23.99 3.54
CA ARG K 315 -27.25 -24.73 3.46
C ARG K 315 -26.25 -24.29 4.52
N ASP K 316 -26.75 -23.88 5.69
CA ASP K 316 -25.91 -23.46 6.81
C ASP K 316 -24.95 -22.35 6.39
N GLU K 317 -25.52 -21.29 5.83
CA GLU K 317 -24.73 -20.16 5.38
C GLU K 317 -25.03 -18.86 6.11
N HIS K 318 -26.16 -18.76 6.80
CA HIS K 318 -26.44 -17.55 7.57
C HIS K 318 -25.55 -17.50 8.80
N ILE K 319 -25.23 -16.28 9.22
CA ILE K 319 -24.33 -16.04 10.33
C ILE K 319 -25.06 -15.45 11.53
N TYR K 320 -25.96 -14.50 11.29
CA TYR K 320 -26.61 -13.80 12.39
C TYR K 320 -27.43 -14.69 13.31
N PRO K 321 -28.02 -15.82 12.91
CA PRO K 321 -28.64 -16.69 13.91
C PRO K 321 -27.67 -17.13 15.00
N TYR K 322 -26.47 -17.56 14.60
CA TYR K 322 -25.49 -18.02 15.59
C TYR K 322 -25.03 -16.88 16.47
N MET K 323 -24.84 -15.69 15.90
CA MET K 323 -24.45 -14.56 16.73
C MET K 323 -25.57 -14.13 17.67
N TYR K 324 -26.83 -14.27 17.24
CA TYR K 324 -27.94 -14.05 18.15
C TYR K 324 -27.86 -14.99 19.34
N LEU K 325 -27.69 -16.28 19.07
CA LEU K 325 -27.61 -17.24 20.17
C LEU K 325 -26.41 -16.96 21.07
N ALA K 326 -25.26 -16.64 20.46
CA ALA K 326 -24.07 -16.37 21.25
C ALA K 326 -24.24 -15.14 22.11
N GLY K 327 -24.89 -14.10 21.58
CA GLY K 327 -25.15 -12.93 22.39
C GLY K 327 -26.11 -13.24 23.53
N TYR K 328 -27.10 -14.10 23.27
CA TYR K 328 -28.02 -14.49 24.34
C TYR K 328 -27.27 -15.18 25.46
N HIS K 329 -26.34 -16.08 25.11
CA HIS K 329 -25.53 -16.71 26.14
C HIS K 329 -24.59 -15.73 26.81
N CYS K 330 -24.09 -14.74 26.06
CA CYS K 330 -23.21 -13.73 26.64
C CYS K 330 -23.92 -12.87 27.66
N ARG K 331 -25.22 -12.60 27.44
CA ARG K 331 -25.98 -11.85 28.43
C ARG K 331 -25.94 -12.53 29.79
N ASN K 332 -25.92 -13.86 29.81
CA ASN K 332 -25.86 -14.64 31.03
C ASN K 332 -24.44 -15.09 31.31
N ARG K 333 -24.23 -15.62 32.51
CA ARG K 333 -22.90 -16.02 32.95
C ARG K 333 -22.62 -17.48 32.64
N ASN K 334 -22.88 -17.89 31.41
CA ASN K 334 -22.62 -19.26 30.95
C ASN K 334 -21.74 -19.15 29.70
N VAL K 335 -20.43 -19.26 29.90
CA VAL K 335 -19.51 -19.03 28.79
C VAL K 335 -19.29 -20.27 27.94
N ARG K 336 -19.59 -21.45 28.45
CA ARG K 336 -19.38 -22.67 27.67
C ARG K 336 -20.19 -22.61 26.38
N GLU K 337 -21.50 -22.48 26.50
CA GLU K 337 -22.35 -22.42 25.32
C GLU K 337 -22.10 -21.16 24.49
N ALA K 338 -21.71 -20.06 25.12
CA ALA K 338 -21.38 -18.86 24.36
C ALA K 338 -20.20 -19.10 23.44
N LEU K 339 -19.12 -19.65 23.99
CA LEU K 339 -17.95 -19.95 23.16
C LEU K 339 -18.27 -21.00 22.12
N GLN K 340 -19.13 -21.97 22.46
CA GLN K 340 -19.53 -22.96 21.47
C GLN K 340 -20.26 -22.31 20.32
N ALA K 341 -21.17 -21.38 20.60
CA ALA K 341 -21.90 -20.69 19.55
C ALA K 341 -20.98 -19.81 18.71
N TRP K 342 -20.01 -19.14 19.35
CA TRP K 342 -19.07 -18.32 18.59
C TRP K 342 -18.17 -19.18 17.70
N ALA K 343 -17.76 -20.35 18.18
CA ALA K 343 -17.03 -21.28 17.35
C ALA K 343 -17.89 -21.75 16.17
N ASP K 344 -19.17 -21.97 16.41
CA ASP K 344 -20.07 -22.32 15.32
C ASP K 344 -20.15 -21.19 14.29
N THR K 345 -20.20 -19.95 14.77
CA THR K 345 -20.22 -18.80 13.86
C THR K 345 -18.96 -18.76 13.02
N ALA K 346 -17.81 -19.04 13.64
CA ALA K 346 -16.58 -19.10 12.88
C ALA K 346 -16.61 -20.22 11.84
N THR K 347 -17.15 -21.38 12.21
CA THR K 347 -17.26 -22.46 11.22
C THR K 347 -18.18 -22.06 10.07
N VAL K 348 -19.17 -21.22 10.33
CA VAL K 348 -20.01 -20.72 9.25
C VAL K 348 -19.21 -19.79 8.35
N ILE K 349 -18.48 -18.85 8.94
CA ILE K 349 -17.72 -17.88 8.16
C ILE K 349 -16.47 -18.46 7.52
N GLN K 350 -16.13 -19.70 7.86
CA GLN K 350 -14.94 -20.33 7.30
C GLN K 350 -14.90 -20.24 5.78
N ASP K 351 -16.04 -20.47 5.13
CA ASP K 351 -16.04 -20.65 3.68
C ASP K 351 -15.90 -19.34 2.92
N TYR K 352 -16.32 -18.23 3.50
CA TYR K 352 -16.36 -16.98 2.74
C TYR K 352 -14.96 -16.43 2.49
N ASN K 353 -14.90 -15.38 1.68
CA ASN K 353 -13.69 -14.60 1.47
C ASN K 353 -13.97 -13.16 1.84
N TYR K 354 -13.03 -12.55 2.57
CA TYR K 354 -13.22 -11.18 3.05
C TYR K 354 -12.82 -10.18 1.98
N CYS K 355 -13.67 -9.17 1.80
CA CYS K 355 -13.39 -8.07 0.89
C CYS K 355 -13.85 -6.78 1.55
N ARG K 356 -13.53 -5.65 0.89
CA ARG K 356 -13.96 -4.36 1.40
C ARG K 356 -15.47 -4.26 1.47
N GLU K 357 -16.19 -5.04 0.68
CA GLU K 357 -17.64 -4.91 0.60
C GLU K 357 -18.32 -5.25 1.91
N ASP K 358 -17.94 -6.38 2.52
CA ASP K 358 -18.59 -6.84 3.74
C ASP K 358 -17.74 -6.45 4.95
N GLU K 359 -17.70 -5.15 5.21
CA GLU K 359 -16.99 -4.65 6.38
C GLU K 359 -17.77 -4.90 7.66
N GLU K 360 -19.10 -4.95 7.58
CA GLU K 360 -19.91 -5.04 8.79
C GLU K 360 -19.68 -6.35 9.53
N ILE K 361 -19.61 -7.47 8.81
CA ILE K 361 -19.37 -8.74 9.46
C ILE K 361 -17.97 -8.74 10.09
N TYR K 362 -17.00 -8.12 9.42
CA TYR K 362 -15.67 -8.01 10.01
C TYR K 362 -15.71 -7.18 11.27
N LYS K 363 -16.50 -6.10 11.29
CA LYS K 363 -16.53 -5.29 12.50
C LYS K 363 -17.23 -6.02 13.63
N GLU K 364 -18.21 -6.87 13.31
CA GLU K 364 -18.85 -7.64 14.37
C GLU K 364 -17.94 -8.72 14.92
N PHE K 365 -17.20 -9.39 14.04
CA PHE K 365 -16.22 -10.37 14.51
C PHE K 365 -15.10 -9.72 15.30
N PHE K 366 -14.67 -8.53 14.88
CA PHE K 366 -13.62 -7.83 15.62
C PHE K 366 -14.11 -7.45 17.01
N GLU K 367 -15.32 -6.89 17.10
CA GLU K 367 -15.89 -6.60 18.42
C GLU K 367 -15.95 -7.86 19.27
N VAL K 368 -16.47 -8.96 18.70
CA VAL K 368 -16.61 -10.20 19.47
C VAL K 368 -15.26 -10.68 19.96
N ALA K 369 -14.26 -10.70 19.10
CA ALA K 369 -12.99 -11.31 19.45
C ALA K 369 -12.12 -10.41 20.30
N ASN K 370 -12.34 -9.10 20.30
CA ASN K 370 -11.43 -8.20 20.98
C ASN K 370 -12.06 -7.39 22.11
N ASP K 371 -13.36 -7.46 22.32
CA ASP K 371 -13.93 -6.70 23.43
C ASP K 371 -14.85 -7.52 24.32
N VAL K 372 -15.59 -8.48 23.78
CA VAL K 372 -16.50 -9.24 24.62
C VAL K 372 -15.87 -10.53 25.10
N ILE K 373 -15.16 -11.26 24.23
CA ILE K 373 -14.48 -12.47 24.70
C ILE K 373 -13.39 -12.16 25.70
N PRO K 374 -12.52 -11.16 25.50
CA PRO K 374 -11.56 -10.82 26.56
C PRO K 374 -12.23 -10.49 27.88
N ASN K 375 -13.30 -9.69 27.87
CA ASN K 375 -13.98 -9.34 29.11
C ASN K 375 -14.66 -10.55 29.72
N LEU K 376 -15.30 -11.38 28.90
CA LEU K 376 -15.98 -12.57 29.41
C LEU K 376 -14.99 -13.51 30.07
N LEU K 377 -13.85 -13.77 29.41
CA LEU K 377 -12.83 -14.63 30.00
C LEU K 377 -12.22 -14.00 31.24
N LYS K 378 -12.04 -12.67 31.25
CA LYS K 378 -11.48 -12.01 32.43
C LYS K 378 -12.40 -12.15 33.62
N GLU K 379 -13.69 -11.94 33.41
CA GLU K 379 -14.66 -12.10 34.50
C GLU K 379 -14.72 -13.55 34.96
N ALA K 380 -14.66 -14.50 34.02
CA ALA K 380 -14.67 -15.92 34.40
C ALA K 380 -13.43 -16.27 35.22
N ALA K 381 -12.27 -15.75 34.82
CA ALA K 381 -11.05 -16.00 35.59
C ALA K 381 -11.14 -15.37 36.98
N SER K 382 -11.71 -14.17 37.07
CA SER K 382 -11.87 -13.53 38.37
C SER K 382 -12.78 -14.37 39.27
N LEU K 383 -13.86 -14.91 38.71
CA LEU K 383 -14.70 -15.82 39.48
C LEU K 383 -13.93 -17.06 39.88
N LEU K 384 -13.06 -17.56 39.01
CA LEU K 384 -12.25 -18.73 39.32
C LEU K 384 -11.30 -18.44 40.47
N GLU K 385 -10.71 -17.23 40.50
CA GLU K 385 -9.80 -16.87 41.56
C GLU K 385 -10.56 -16.65 42.86
N ALA K 386 -10.71 -17.72 43.64
CA ALA K 386 -11.46 -17.71 44.90
C ALA K 386 -12.85 -17.10 44.74
N SER K 403 -16.18 -24.88 36.76
CA SER K 403 -15.91 -23.49 36.43
C SER K 403 -15.86 -23.26 34.93
N ALA K 404 -15.96 -22.00 34.52
CA ALA K 404 -15.92 -21.65 33.12
C ALA K 404 -14.58 -22.04 32.50
N LEU K 405 -13.49 -21.67 33.17
CA LEU K 405 -12.18 -22.16 32.82
C LEU K 405 -11.98 -23.55 33.41
N GLN K 406 -10.82 -24.11 33.15
CA GLN K 406 -10.42 -25.46 33.58
C GLN K 406 -11.16 -26.50 32.75
N ASP K 407 -11.86 -26.08 31.70
CA ASP K 407 -12.60 -26.97 30.82
C ASP K 407 -11.89 -27.07 29.48
N PRO K 408 -11.41 -28.25 29.09
CA PRO K 408 -10.78 -28.37 27.76
C PRO K 408 -11.73 -28.03 26.63
N GLU K 409 -13.03 -28.29 26.78
CA GLU K 409 -13.98 -28.02 25.70
C GLU K 409 -14.11 -26.53 25.42
N CYS K 410 -14.10 -25.69 26.44
CA CYS K 410 -14.15 -24.24 26.21
C CYS K 410 -12.93 -23.77 25.43
N PHE K 411 -11.75 -24.26 25.79
CA PHE K 411 -10.54 -23.92 25.05
C PHE K 411 -10.62 -24.41 23.61
N ALA K 412 -11.15 -25.61 23.42
CA ALA K 412 -11.29 -26.12 22.05
C ALA K 412 -12.24 -25.25 21.24
N HIS K 413 -13.33 -24.77 21.85
CA HIS K 413 -14.23 -23.87 21.15
C HIS K 413 -13.54 -22.56 20.78
N LEU K 414 -12.76 -22.00 21.71
CA LEU K 414 -12.04 -20.77 21.39
C LEU K 414 -11.04 -20.98 20.27
N LEU K 415 -10.30 -22.08 20.30
CA LEU K 415 -9.34 -22.36 19.25
C LEU K 415 -10.03 -22.53 17.92
N ARG K 416 -11.20 -23.18 17.91
CA ARG K 416 -11.93 -23.36 16.66
C ARG K 416 -12.47 -22.03 16.15
N PHE K 417 -12.84 -21.12 17.06
CA PHE K 417 -13.26 -19.79 16.64
C PHE K 417 -12.13 -19.05 15.93
N TYR K 418 -10.95 -19.04 16.55
CA TYR K 418 -9.83 -18.37 15.90
C TYR K 418 -9.40 -19.09 14.63
N ASP K 419 -9.53 -20.42 14.59
CA ASP K 419 -9.23 -21.17 13.39
C ASP K 419 -10.19 -20.81 12.26
N GLY K 420 -11.46 -20.60 12.58
CA GLY K 420 -12.40 -20.15 11.58
C GLY K 420 -12.08 -18.76 11.07
N ILE K 421 -11.68 -17.86 11.97
CA ILE K 421 -11.29 -16.53 11.51
C ILE K 421 -10.10 -16.61 10.57
N CYS K 422 -9.08 -17.39 10.94
CA CYS K 422 -7.90 -17.52 10.10
C CYS K 422 -8.24 -18.13 8.74
N LYS K 423 -9.08 -19.17 8.73
CA LYS K 423 -9.51 -19.77 7.48
C LYS K 423 -10.30 -18.77 6.64
N TRP K 424 -11.08 -17.90 7.29
CA TRP K 424 -11.76 -16.83 6.59
C TRP K 424 -10.77 -15.93 5.89
N GLU K 425 -9.68 -15.58 6.57
CA GLU K 425 -8.71 -14.67 5.98
C GLU K 425 -8.09 -15.26 4.72
N GLU K 426 -7.76 -16.54 4.73
CA GLU K 426 -6.95 -17.09 3.64
C GLU K 426 -7.69 -16.99 2.32
N GLY K 427 -6.96 -16.61 1.27
CA GLY K 427 -7.54 -16.38 -0.02
C GLY K 427 -8.29 -15.07 -0.16
N SER K 428 -8.30 -14.23 0.86
CA SER K 428 -9.08 -13.02 0.71
C SER K 428 -8.25 -11.92 0.08
N PRO K 429 -8.86 -11.05 -0.72
CA PRO K 429 -8.12 -9.88 -1.24
C PRO K 429 -7.63 -8.95 -0.15
N THR K 430 -8.34 -8.84 0.97
CA THR K 430 -7.98 -7.92 2.04
C THR K 430 -7.55 -8.70 3.27
N PRO K 431 -6.43 -8.34 3.90
CA PRO K 431 -6.02 -9.02 5.13
C PRO K 431 -6.98 -8.77 6.27
N VAL K 432 -7.13 -9.77 7.12
CA VAL K 432 -8.07 -9.74 8.23
C VAL K 432 -7.37 -9.56 9.57
N LEU K 433 -6.29 -10.30 9.79
CA LEU K 433 -5.61 -10.31 11.08
C LEU K 433 -4.43 -9.34 11.08
N HIS K 434 -4.27 -8.64 12.20
CA HIS K 434 -3.12 -7.77 12.43
C HIS K 434 -2.83 -7.79 13.92
N VAL K 435 -2.01 -6.84 14.38
CA VAL K 435 -1.53 -6.87 15.76
C VAL K 435 -2.66 -6.73 16.75
N GLY K 436 -3.69 -5.97 16.40
CA GLY K 436 -4.84 -5.81 17.29
C GLY K 436 -5.49 -7.13 17.62
N TRP K 437 -5.55 -8.03 16.64
CA TRP K 437 -6.02 -9.38 16.91
C TRP K 437 -5.03 -10.17 17.75
N ALA K 438 -3.73 -10.01 17.45
CA ALA K 438 -2.72 -10.86 18.07
C ALA K 438 -2.64 -10.63 19.58
N THR K 439 -2.69 -9.37 20.01
CA THR K 439 -2.56 -9.10 21.44
C THR K 439 -3.68 -9.78 22.23
N PHE K 440 -4.91 -9.66 21.76
CA PHE K 440 -6.02 -10.24 22.51
C PHE K 440 -6.08 -11.75 22.35
N LEU K 441 -5.62 -12.31 21.22
CA LEU K 441 -5.53 -13.76 21.14
C LEU K 441 -4.55 -14.29 22.17
N VAL K 442 -3.40 -13.63 22.30
CA VAL K 442 -2.42 -14.05 23.30
C VAL K 442 -3.00 -13.93 24.70
N GLN K 443 -3.70 -12.82 24.97
CA GLN K 443 -4.33 -12.66 26.28
C GLN K 443 -5.35 -13.76 26.56
N SER K 444 -6.20 -14.07 25.58
CA SER K 444 -7.24 -15.07 25.76
C SER K 444 -6.66 -16.46 25.95
N LEU K 445 -5.59 -16.80 25.24
CA LEU K 445 -4.89 -18.04 25.52
C LEU K 445 -4.25 -18.01 26.90
N GLY K 446 -3.82 -16.83 27.35
CA GLY K 446 -3.25 -16.72 28.67
C GLY K 446 -4.24 -16.97 29.79
N ARG K 447 -5.50 -16.57 29.59
CA ARG K 447 -6.50 -16.76 30.65
C ARG K 447 -6.63 -18.23 31.03
N PHE K 448 -6.37 -19.15 30.11
CA PHE K 448 -6.47 -20.57 30.40
C PHE K 448 -5.18 -21.08 31.03
N GLU K 449 -5.33 -22.00 31.99
CA GLU K 449 -4.18 -22.59 32.66
C GLU K 449 -3.48 -23.60 31.75
N GLY K 450 -2.19 -23.80 32.00
CA GLY K 450 -1.39 -24.62 31.11
C GLY K 450 -1.83 -26.07 31.06
N GLN K 451 -2.06 -26.67 32.23
CA GLN K 451 -2.51 -28.06 32.25
C GLN K 451 -3.90 -28.20 31.65
N VAL K 452 -4.71 -27.15 31.73
CA VAL K 452 -6.02 -27.15 31.07
C VAL K 452 -5.85 -27.23 29.56
N ARG K 453 -4.95 -26.40 29.01
CA ARG K 453 -4.72 -26.40 27.58
C ARG K 453 -4.11 -27.72 27.11
N GLN K 454 -3.27 -28.33 27.95
CA GLN K 454 -2.56 -29.53 27.54
C GLN K 454 -3.49 -30.69 27.19
N LYS K 455 -4.73 -30.68 27.68
CA LYS K 455 -5.66 -31.75 27.37
C LYS K 455 -6.39 -31.48 26.06
N VAL K 456 -5.63 -31.19 24.99
CA VAL K 456 -6.20 -30.88 23.69
C VAL K 456 -5.41 -31.62 22.63
N ARG K 457 -6.10 -32.16 21.63
CA ARG K 457 -5.50 -32.96 20.59
C ARG K 457 -5.76 -32.32 19.24
N ILE K 458 -4.69 -32.01 18.50
CA ILE K 458 -4.79 -31.39 17.18
C ILE K 458 -4.39 -32.44 16.15
N VAL K 459 -5.39 -33.07 15.52
CA VAL K 459 -5.12 -34.11 14.54
C VAL K 459 -5.30 -33.57 13.13
N SER K 460 -4.77 -34.29 12.14
CA SER K 460 -4.91 -33.99 10.72
C SER K 460 -4.84 -32.49 10.40
N GLY K 549 -10.24 -34.90 27.08
CA GLY K 549 -10.17 -33.73 26.22
C GLY K 549 -10.67 -33.98 24.82
N PRO K 550 -11.38 -33.01 24.26
CA PRO K 550 -11.92 -33.17 22.91
C PRO K 550 -10.82 -33.10 21.86
N VAL K 551 -11.07 -33.75 20.74
CA VAL K 551 -10.19 -33.73 19.58
C VAL K 551 -10.64 -32.60 18.66
N LEU K 552 -9.68 -31.94 18.01
CA LEU K 552 -10.00 -30.80 17.18
C LEU K 552 -8.94 -30.62 16.11
N THR K 553 -9.37 -30.45 14.86
CA THR K 553 -8.49 -30.29 13.73
C THR K 553 -8.55 -28.86 13.21
N PHE K 554 -7.50 -28.45 12.51
CA PHE K 554 -7.39 -27.12 11.96
C PHE K 554 -7.53 -27.19 10.45
N GLN K 555 -8.41 -26.35 9.88
CA GLN K 555 -8.55 -26.24 8.44
C GLN K 555 -7.74 -25.08 7.86
N SER K 556 -7.06 -24.32 8.70
CA SER K 556 -6.37 -23.11 8.30
C SER K 556 -4.86 -23.32 8.33
N GLU K 557 -4.16 -22.64 7.43
CA GLU K 557 -2.72 -22.82 7.34
C GLU K 557 -1.99 -22.12 8.48
N LYS K 558 -2.49 -20.96 8.93
CA LYS K 558 -1.81 -20.23 9.99
C LYS K 558 -1.76 -21.05 11.28
N MET K 559 -2.85 -21.74 11.60
CA MET K 559 -2.90 -22.53 12.82
C MET K 559 -2.09 -23.83 12.74
N LYS K 560 -1.58 -24.19 11.57
CA LYS K 560 -0.74 -25.37 11.48
C LYS K 560 0.61 -25.18 12.18
N GLY K 561 0.98 -23.95 12.55
CA GLY K 561 2.15 -23.73 13.36
C GLY K 561 1.80 -23.68 14.83
N MET K 562 0.68 -23.03 15.13
CA MET K 562 0.20 -23.03 16.51
C MET K 562 -0.13 -24.43 17.00
N LYS K 563 -0.40 -25.37 16.09
CA LYS K 563 -0.69 -26.75 16.51
C LYS K 563 0.37 -27.31 17.43
N GLU K 564 1.56 -26.72 17.46
CA GLU K 564 2.56 -27.05 18.47
C GLU K 564 3.07 -25.84 19.23
N LEU K 565 3.00 -24.64 18.65
CA LEU K 565 3.47 -23.46 19.39
C LEU K 565 2.64 -23.23 20.64
N LEU K 566 1.33 -23.18 20.51
CA LEU K 566 0.47 -23.14 21.68
C LEU K 566 0.34 -24.57 22.20
N VAL K 567 -0.63 -24.80 23.09
CA VAL K 567 -0.84 -26.07 23.78
C VAL K 567 0.48 -26.59 24.34
N ALA K 568 1.33 -25.65 24.76
CA ALA K 568 2.53 -25.95 25.53
C ALA K 568 2.36 -25.39 26.94
N THR K 569 3.29 -25.75 27.82
CA THR K 569 3.17 -25.35 29.22
C THR K 569 3.18 -23.84 29.37
N LYS K 570 4.07 -23.16 28.63
CA LYS K 570 4.16 -21.71 28.65
C LYS K 570 3.95 -21.18 27.23
N ILE K 571 3.05 -20.23 27.09
CA ILE K 571 2.72 -19.70 25.77
C ILE K 571 3.80 -18.72 25.33
N ASN K 572 4.28 -18.90 24.10
CA ASN K 572 5.31 -18.03 23.54
C ASN K 572 4.62 -16.92 22.77
N SER K 573 4.41 -15.79 23.44
CA SER K 573 3.62 -14.72 22.85
C SER K 573 4.25 -14.20 21.57
N SER K 574 5.58 -14.08 21.56
CA SER K 574 6.26 -13.52 20.40
C SER K 574 6.03 -14.36 19.16
N ALA K 575 6.16 -15.68 19.27
CA ALA K 575 5.96 -16.54 18.12
C ALA K 575 4.50 -16.53 17.66
N ILE K 576 3.55 -16.50 18.60
CA ILE K 576 2.14 -16.49 18.22
C ILE K 576 1.81 -15.20 17.46
N LYS K 577 2.28 -14.07 17.97
CA LYS K 577 2.00 -12.80 17.29
C LYS K 577 2.72 -12.71 15.95
N LEU K 578 3.94 -13.23 15.87
CA LEU K 578 4.65 -13.24 14.60
C LEU K 578 3.95 -14.11 13.57
N GLN K 579 3.43 -15.27 14.00
CA GLN K 579 2.74 -16.15 13.08
C GLN K 579 1.42 -15.54 12.63
N LEU K 580 0.66 -14.96 13.56
CA LEU K 580 -0.64 -14.40 13.21
C LEU K 580 -0.50 -13.19 12.30
N THR K 581 0.35 -12.23 12.67
CA THR K 581 0.41 -10.97 11.94
C THR K 581 1.08 -11.09 10.58
N ALA K 582 1.67 -12.24 10.27
CA ALA K 582 2.27 -12.45 8.96
C ALA K 582 1.22 -12.34 7.87
N GLN K 583 1.58 -11.68 6.78
CA GLN K 583 0.65 -11.52 5.66
C GLN K 583 0.86 -12.62 4.61
N SER K 584 0.65 -13.84 5.06
CA SER K 584 0.63 -15.01 4.19
C SER K 584 -0.81 -15.45 3.99
N GLN K 585 -1.02 -16.33 3.01
CA GLN K 585 -2.36 -16.83 2.66
C GLN K 585 -3.27 -15.70 2.21
N VAL K 586 -2.69 -14.60 1.75
CA VAL K 586 -3.45 -13.42 1.34
C VAL K 586 -3.14 -13.14 -0.12
N GLN K 587 -4.19 -12.99 -0.93
CA GLN K 587 -4.05 -12.58 -2.32
C GLN K 587 -4.33 -11.10 -2.45
N MET K 588 -3.75 -10.48 -3.47
CA MET K 588 -3.96 -9.06 -3.74
C MET K 588 -4.02 -8.78 -5.23
#